data_8K7M
#
_entry.id   8K7M
#
_cell.length_a   71.653
_cell.length_b   80.371
_cell.length_c   78.913
_cell.angle_alpha   90.00
_cell.angle_beta   93.90
_cell.angle_gamma   90.00
#
_symmetry.space_group_name_H-M   'P 1 21 1'
#
loop_
_entity.id
_entity.type
_entity.pdbx_description
1 polymer 'De novo design protein'
2 water water
#
_entity_poly.entity_id   1
_entity_poly.type   'polypeptide(L)'
_entity_poly.pdbx_seq_one_letter_code
;NNMFLVVALDGGREADAVAVMKAAKERGIKIILWLAGDVERLKRLFEKAKELGTDIAGIILDGAPLEKLRPVIKLAAEFG
AALFLANMPDAATAEEAIKIAKEEGLEVYLLADLDNLDTVLALAKKYGAKVIAKVDKVEDLKKIVEKVKAHGTDILAGIL
ISPLKPEMVDTLKKAIDELPGVKTVFLSGVSANPALAVEVTKFLLEKGIAVGVLERVPPEEVVALLDAGALEHHHHHH
;
_entity_poly.pdbx_strand_id   C,B,D,A
#
# COMPACT_ATOMS: atom_id res chain seq x y z
N ASN A 1 -6.57 -21.09 12.43
CA ASN A 1 -6.20 -21.08 13.87
C ASN A 1 -4.79 -20.49 14.06
N ASN A 2 -3.87 -20.83 13.16
CA ASN A 2 -2.48 -20.41 13.20
C ASN A 2 -2.25 -19.27 12.23
N MET A 3 -1.24 -18.46 12.54
CA MET A 3 -0.77 -17.45 11.63
C MET A 3 0.72 -17.68 11.40
N PHE A 4 1.10 -17.81 10.14
CA PHE A 4 2.49 -17.99 9.75
C PHE A 4 3.05 -16.69 9.24
N LEU A 5 4.35 -16.51 9.42
CA LEU A 5 5.01 -15.31 8.91
C LEU A 5 6.28 -15.74 8.21
N VAL A 6 6.29 -15.63 6.89
CA VAL A 6 7.44 -16.03 6.08
C VAL A 6 8.41 -14.86 6.03
N VAL A 7 9.57 -15.02 6.63
CA VAL A 7 10.51 -13.92 6.76
C VAL A 7 11.83 -14.34 6.14
N ALA A 8 12.60 -13.36 5.75
CA ALA A 8 13.89 -13.57 5.14
C ALA A 8 14.88 -13.05 6.16
N LEU A 9 15.37 -13.96 7.01
CA LEU A 9 16.19 -13.59 8.14
C LEU A 9 17.68 -13.69 7.87
N ASP A 10 18.06 -13.89 6.63
CA ASP A 10 19.47 -13.81 6.26
C ASP A 10 19.74 -12.36 5.89
N GLY A 11 20.93 -11.89 6.18
CA GLY A 11 21.16 -10.51 5.82
C GLY A 11 21.07 -9.60 7.03
N GLY A 12 21.85 -8.53 7.01
CA GLY A 12 21.83 -7.61 8.12
C GLY A 12 22.30 -8.21 9.44
N ARG A 13 22.03 -7.45 10.49
CA ARG A 13 22.39 -7.85 11.85
C ARG A 13 21.54 -9.00 12.38
N GLU A 14 22.21 -9.95 13.02
CA GLU A 14 21.53 -11.09 13.61
C GLU A 14 20.65 -10.70 14.78
N ALA A 15 21.01 -9.63 15.53
CA ALA A 15 20.15 -9.18 16.62
C ALA A 15 18.76 -8.80 16.14
N ASP A 16 18.66 -8.28 14.90
CA ASP A 16 17.34 -8.00 14.33
C ASP A 16 16.57 -9.28 14.05
N ALA A 17 17.21 -10.31 13.50
CA ALA A 17 16.50 -11.57 13.27
C ALA A 17 16.01 -12.17 14.58
N VAL A 18 16.84 -12.13 15.63
CA VAL A 18 16.39 -12.65 16.92
C VAL A 18 15.26 -11.80 17.48
N ALA A 19 15.33 -10.48 17.30
CA ALA A 19 14.22 -9.64 17.75
C ALA A 19 12.94 -10.04 17.05
N VAL A 20 13.04 -10.39 15.77
CA VAL A 20 11.89 -10.88 15.01
C VAL A 20 11.36 -12.17 15.60
N MET A 21 12.25 -13.13 15.90
CA MET A 21 11.79 -14.40 16.44
C MET A 21 11.17 -14.24 17.82
N LYS A 22 11.77 -13.37 18.64
CA LYS A 22 11.21 -13.02 19.94
C LYS A 22 9.80 -12.43 19.81
N ALA A 23 9.66 -11.43 18.93
CA ALA A 23 8.37 -10.78 18.78
C ALA A 23 7.32 -11.75 18.25
N ALA A 24 7.69 -12.61 17.32
CA ALA A 24 6.73 -13.59 16.80
C ALA A 24 6.25 -14.51 17.89
N LYS A 25 7.19 -15.14 18.62
CA LYS A 25 6.80 -16.02 19.73
C LYS A 25 5.86 -15.29 20.67
N GLU A 26 6.19 -14.06 21.02
CA GLU A 26 5.28 -13.33 21.89
C GLU A 26 3.91 -13.10 21.27
N ARG A 27 3.82 -12.92 19.96
CA ARG A 27 2.52 -12.62 19.39
C ARG A 27 1.79 -13.87 18.87
N GLY A 28 2.35 -15.05 19.09
CA GLY A 28 1.72 -16.27 18.63
C GLY A 28 1.78 -16.49 17.15
N ILE A 29 2.85 -16.04 16.51
CA ILE A 29 2.98 -16.13 15.05
C ILE A 29 4.07 -17.15 14.76
N LYS A 30 3.73 -18.19 14.01
CA LYS A 30 4.75 -19.14 13.63
C LYS A 30 5.59 -18.61 12.48
N ILE A 31 6.86 -18.96 12.51
CA ILE A 31 7.84 -18.40 11.59
C ILE A 31 8.25 -19.43 10.57
N ILE A 32 8.31 -19.02 9.31
CA ILE A 32 8.90 -19.81 8.24
C ILE A 32 10.06 -19.01 7.67
N LEU A 33 11.26 -19.59 7.68
CA LEU A 33 12.45 -18.93 7.18
C LEU A 33 12.56 -19.13 5.68
N TRP A 34 12.66 -18.03 4.94
CA TRP A 34 12.98 -18.06 3.52
C TRP A 34 14.48 -17.92 3.40
N LEU A 35 15.13 -18.95 2.90
CA LEU A 35 16.59 -19.04 2.96
C LEU A 35 17.25 -18.38 1.74
N ALA A 36 18.37 -17.71 1.99
CA ALA A 36 19.16 -17.10 0.94
C ALA A 36 20.56 -17.68 0.81
N GLY A 37 20.90 -18.72 1.58
CA GLY A 37 22.16 -19.40 1.38
C GLY A 37 23.04 -19.54 2.61
N ASP A 38 22.79 -18.70 3.62
CA ASP A 38 23.66 -18.59 4.79
C ASP A 38 23.38 -19.72 5.78
N VAL A 39 24.19 -20.78 5.74
CA VAL A 39 23.95 -21.95 6.59
C VAL A 39 24.39 -21.72 8.03
N GLU A 40 25.41 -20.89 8.26
CA GLU A 40 25.77 -20.56 9.63
C GLU A 40 24.66 -19.77 10.32
N ARG A 41 24.11 -18.77 9.62
CA ARG A 41 22.96 -18.06 10.20
C ARG A 41 21.77 -18.97 10.39
N LEU A 42 21.54 -19.90 9.46
CA LEU A 42 20.45 -20.85 9.65
C LEU A 42 20.63 -21.64 10.94
N LYS A 43 21.84 -22.16 11.17
CA LYS A 43 22.09 -22.91 12.41
C LYS A 43 21.96 -22.01 13.65
N ARG A 44 22.49 -20.78 13.60
CA ARG A 44 22.39 -19.86 14.74
C ARG A 44 20.94 -19.52 15.05
N LEU A 45 20.12 -19.31 14.01
CA LEU A 45 18.71 -19.01 14.19
C LEU A 45 17.97 -20.19 14.79
N PHE A 46 18.23 -21.42 14.30
CA PHE A 46 17.62 -22.59 14.91
C PHE A 46 17.96 -22.67 16.39
N GLU A 47 19.22 -22.42 16.73
CA GLU A 47 19.61 -22.47 18.13
C GLU A 47 18.84 -21.44 18.95
N LYS A 48 18.76 -20.19 18.48
CA LYS A 48 18.05 -19.20 19.29
C LYS A 48 16.54 -19.49 19.36
N ALA A 49 15.96 -20.09 18.33
CA ALA A 49 14.55 -20.49 18.44
C ALA A 49 14.36 -21.61 19.47
N LYS A 50 15.33 -22.53 19.56
CA LYS A 50 15.33 -23.48 20.67
C LYS A 50 15.37 -22.74 22.01
N GLU A 51 16.38 -21.88 22.16
CA GLU A 51 16.62 -21.15 23.39
C GLU A 51 15.39 -20.35 23.86
N LEU A 52 14.76 -19.59 22.96
CA LEU A 52 13.68 -18.68 23.29
C LEU A 52 12.31 -19.36 23.39
N GLY A 53 12.15 -20.56 22.83
CA GLY A 53 10.84 -21.14 22.69
C GLY A 53 10.13 -20.80 21.38
N THR A 54 10.77 -20.06 20.47
CA THR A 54 10.20 -19.74 19.17
C THR A 54 10.03 -21.01 18.33
N ASP A 55 8.88 -21.13 17.67
CA ASP A 55 8.60 -22.24 16.75
C ASP A 55 9.00 -21.83 15.33
N ILE A 56 10.09 -22.42 14.81
CA ILE A 56 10.39 -22.34 13.39
C ILE A 56 9.62 -23.44 12.66
N ALA A 57 8.45 -23.09 12.14
CA ALA A 57 7.60 -24.10 11.51
C ALA A 57 8.22 -24.66 10.23
N GLY A 58 8.98 -23.86 9.49
CA GLY A 58 9.47 -24.37 8.23
C GLY A 58 10.60 -23.53 7.69
N ILE A 59 11.25 -24.07 6.67
CA ILE A 59 12.34 -23.42 5.96
C ILE A 59 12.09 -23.64 4.48
N ILE A 60 12.48 -22.66 3.66
CA ILE A 60 12.23 -22.67 2.22
C ILE A 60 13.57 -22.62 1.51
N LEU A 61 13.79 -23.61 0.66
CA LEU A 61 14.88 -23.58 -0.32
C LEU A 61 14.28 -23.09 -1.64
N ASP A 62 14.74 -21.93 -2.11
CA ASP A 62 14.22 -21.26 -3.29
C ASP A 62 15.34 -21.16 -4.31
N GLY A 63 15.24 -21.92 -5.40
CA GLY A 63 16.31 -21.90 -6.38
C GLY A 63 17.61 -22.38 -5.74
N ALA A 64 17.51 -23.40 -4.87
CA ALA A 64 18.68 -23.82 -4.14
C ALA A 64 19.51 -24.79 -4.97
N PRO A 65 20.83 -24.62 -4.99
CA PRO A 65 21.70 -25.56 -5.69
C PRO A 65 22.03 -26.79 -4.85
N LEU A 66 22.48 -27.82 -5.56
CA LEU A 66 22.69 -29.14 -4.97
C LEU A 66 23.71 -29.09 -3.83
N GLU A 67 24.76 -28.28 -3.95
CA GLU A 67 25.80 -28.30 -2.94
C GLU A 67 25.33 -27.78 -1.59
N LYS A 68 24.26 -27.00 -1.57
CA LYS A 68 23.74 -26.40 -0.37
C LYS A 68 22.61 -27.20 0.28
N LEU A 69 22.05 -28.19 -0.41
CA LEU A 69 20.88 -28.90 0.11
C LEU A 69 21.20 -29.63 1.40
N ARG A 70 22.24 -30.46 1.41
CA ARG A 70 22.44 -31.36 2.54
C ARG A 70 22.66 -30.67 3.87
N PRO A 71 23.51 -29.63 3.99
CA PRO A 71 23.66 -29.00 5.31
C PRO A 71 22.36 -28.42 5.83
N VAL A 72 21.57 -27.81 4.94
CA VAL A 72 20.27 -27.25 5.30
C VAL A 72 19.31 -28.35 5.75
N ILE A 73 19.22 -29.43 4.96
CA ILE A 73 18.31 -30.52 5.28
C ILE A 73 18.67 -31.14 6.62
N LYS A 74 19.96 -31.29 6.88
CA LYS A 74 20.39 -31.80 8.17
C LYS A 74 19.95 -30.88 9.30
N LEU A 75 20.08 -29.56 9.11
CA LEU A 75 19.64 -28.65 10.18
C LEU A 75 18.13 -28.75 10.40
N ALA A 76 17.35 -28.83 9.32
CA ALA A 76 15.90 -28.95 9.47
C ALA A 76 15.55 -30.20 10.25
N ALA A 77 16.18 -31.34 9.91
CA ALA A 77 15.93 -32.60 10.60
C ALA A 77 16.33 -32.50 12.08
N GLU A 78 17.47 -31.89 12.37
CA GLU A 78 17.88 -31.77 13.76
C GLU A 78 16.86 -30.97 14.59
N PHE A 79 16.27 -29.91 14.02
CA PHE A 79 15.42 -29.03 14.81
C PHE A 79 13.93 -29.18 14.53
N GLY A 80 13.53 -30.10 13.66
CA GLY A 80 12.12 -30.40 13.48
C GLY A 80 11.32 -29.40 12.68
N ALA A 81 11.86 -28.93 11.56
CA ALA A 81 11.20 -27.93 10.73
C ALA A 81 10.72 -28.57 9.44
N ALA A 82 9.58 -28.13 8.94
CA ALA A 82 9.12 -28.59 7.63
C ALA A 82 9.99 -27.97 6.53
N LEU A 83 10.15 -28.72 5.45
CA LEU A 83 10.95 -28.27 4.32
C LEU A 83 10.03 -27.89 3.18
N PHE A 84 10.13 -26.64 2.74
CA PHE A 84 9.43 -26.15 1.56
C PHE A 84 10.47 -25.99 0.46
N LEU A 85 10.17 -26.53 -0.72
CA LEU A 85 11.02 -26.44 -1.89
C LEU A 85 10.30 -25.64 -2.97
N ALA A 86 10.99 -24.66 -3.54
CA ALA A 86 10.38 -23.83 -4.58
C ALA A 86 11.43 -23.52 -5.62
N ASN A 87 10.97 -23.40 -6.87
CA ASN A 87 11.80 -23.03 -8.03
C ASN A 87 13.08 -23.86 -8.09
N MET A 88 12.94 -25.16 -7.89
CA MET A 88 14.11 -26.03 -7.96
C MET A 88 14.70 -25.98 -9.37
N PRO A 89 16.04 -25.98 -9.50
CA PRO A 89 16.65 -25.72 -10.82
C PRO A 89 16.21 -26.69 -11.91
N ASP A 90 16.30 -27.99 -11.67
CA ASP A 90 15.84 -28.97 -12.64
C ASP A 90 15.23 -30.15 -11.90
N ALA A 91 14.47 -30.96 -12.63
CA ALA A 91 13.69 -32.03 -11.98
C ALA A 91 14.58 -32.98 -11.19
N ALA A 92 15.85 -33.10 -11.56
CA ALA A 92 16.76 -33.98 -10.84
C ALA A 92 17.19 -33.38 -9.51
N THR A 93 17.49 -32.08 -9.48
CA THR A 93 17.84 -31.45 -8.21
C THR A 93 16.67 -31.53 -7.23
N ALA A 94 15.46 -31.30 -7.71
CA ALA A 94 14.26 -31.48 -6.89
C ALA A 94 14.15 -32.92 -6.40
N GLU A 95 14.39 -33.88 -7.29
CA GLU A 95 14.35 -35.30 -6.91
C GLU A 95 15.30 -35.56 -5.76
N GLU A 96 16.53 -35.08 -5.89
CA GLU A 96 17.54 -35.29 -4.86
C GLU A 96 17.11 -34.65 -3.55
N ALA A 97 16.56 -33.44 -3.61
CA ALA A 97 16.15 -32.74 -2.40
C ALA A 97 15.03 -33.49 -1.68
N ILE A 98 14.01 -33.93 -2.43
CA ILE A 98 12.91 -34.66 -1.79
C ILE A 98 13.43 -35.96 -1.21
N LYS A 99 14.26 -36.68 -1.96
CA LYS A 99 14.78 -37.96 -1.50
C LYS A 99 15.55 -37.79 -0.20
N ILE A 100 16.47 -36.82 -0.15
CA ILE A 100 17.25 -36.61 1.06
C ILE A 100 16.35 -36.23 2.22
N ALA A 101 15.37 -35.35 1.99
CA ALA A 101 14.49 -34.93 3.08
C ALA A 101 13.67 -36.10 3.61
N LYS A 102 13.20 -36.96 2.71
CA LYS A 102 12.45 -38.13 3.14
C LYS A 102 13.33 -39.16 3.84
N GLU A 103 14.61 -39.29 3.43
CA GLU A 103 15.55 -40.07 4.24
C GLU A 103 15.69 -39.49 5.65
N GLU A 104 15.39 -38.21 5.84
CA GLU A 104 15.44 -37.59 7.16
C GLU A 104 14.07 -37.54 7.83
N GLY A 105 13.03 -38.04 7.18
CA GLY A 105 11.71 -38.06 7.78
C GLY A 105 11.10 -36.68 7.92
N LEU A 106 11.27 -35.83 6.90
CA LEU A 106 10.83 -34.46 6.96
C LEU A 106 9.49 -34.28 6.27
N GLU A 107 8.72 -33.35 6.79
CA GLU A 107 7.55 -32.83 6.11
C GLU A 107 8.02 -32.01 4.91
N VAL A 108 7.57 -32.36 3.71
CA VAL A 108 8.05 -31.72 2.50
C VAL A 108 6.87 -31.09 1.78
N TYR A 109 6.94 -29.78 1.54
CA TYR A 109 5.96 -29.07 0.73
C TYR A 109 6.62 -28.59 -0.54
N LEU A 110 6.00 -28.90 -1.66
CA LEU A 110 6.53 -28.55 -2.97
C LEU A 110 5.67 -27.44 -3.54
N LEU A 111 6.27 -26.27 -3.77
CA LEU A 111 5.53 -25.20 -4.40
C LEU A 111 5.49 -25.45 -5.89
N ALA A 112 4.37 -25.09 -6.50
CA ALA A 112 4.17 -25.30 -7.91
C ALA A 112 3.24 -24.23 -8.43
N ASP A 113 3.56 -23.68 -9.61
CA ASP A 113 2.57 -22.95 -10.39
C ASP A 113 1.93 -23.91 -11.38
N LEU A 114 0.94 -23.42 -12.12
CA LEU A 114 0.10 -24.28 -12.93
C LEU A 114 0.89 -25.02 -14.02
N ASP A 115 1.80 -24.32 -14.72
CA ASP A 115 2.43 -24.90 -15.93
C ASP A 115 3.17 -26.19 -15.63
N ASN A 116 3.81 -26.27 -14.46
CA ASN A 116 4.48 -27.50 -14.04
C ASN A 116 3.89 -28.05 -12.75
N LEU A 117 2.58 -27.88 -12.56
CA LEU A 117 1.85 -28.48 -11.44
C LEU A 117 1.79 -30.00 -11.54
N ASP A 118 1.42 -30.52 -12.72
CA ASP A 118 1.28 -31.97 -12.91
C ASP A 118 2.51 -32.74 -12.45
N THR A 119 3.68 -32.32 -12.95
CA THR A 119 4.94 -32.90 -12.51
C THR A 119 5.01 -33.01 -10.99
N VAL A 120 4.74 -31.89 -10.31
CA VAL A 120 4.93 -31.78 -8.87
C VAL A 120 3.93 -32.66 -8.11
N LEU A 121 2.69 -32.71 -8.58
CA LEU A 121 1.71 -33.65 -8.01
C LEU A 121 2.23 -35.08 -8.11
N ALA A 122 2.72 -35.46 -9.30
CA ALA A 122 3.33 -36.77 -9.47
C ALA A 122 4.42 -37.02 -8.43
N LEU A 123 5.43 -36.14 -8.41
CA LEU A 123 6.56 -36.26 -7.49
C LEU A 123 6.10 -36.37 -6.04
N ALA A 124 5.11 -35.56 -5.67
CA ALA A 124 4.61 -35.56 -4.31
C ALA A 124 3.99 -36.90 -3.97
N LYS A 125 3.34 -37.52 -4.96
CA LYS A 125 2.84 -38.88 -4.77
C LYS A 125 4.00 -39.87 -4.66
N LYS A 126 5.05 -39.68 -5.45
CA LYS A 126 6.17 -40.61 -5.41
C LYS A 126 6.81 -40.63 -4.03
N TYR A 127 6.87 -39.49 -3.33
CA TYR A 127 7.58 -39.45 -2.06
C TYR A 127 6.72 -39.17 -0.85
N GLY A 128 5.42 -38.98 -1.02
CA GLY A 128 4.55 -38.69 0.13
C GLY A 128 4.72 -37.28 0.66
N ALA A 129 4.91 -36.31 -0.23
CA ALA A 129 5.02 -34.91 0.11
C ALA A 129 3.73 -34.20 -0.32
N LYS A 130 3.46 -33.04 0.29
CA LYS A 130 2.28 -32.26 -0.08
C LYS A 130 2.66 -31.16 -1.06
N VAL A 131 1.65 -30.54 -1.69
CA VAL A 131 1.89 -29.51 -2.70
C VAL A 131 1.26 -28.19 -2.25
N ILE A 132 1.92 -27.09 -2.60
CA ILE A 132 1.37 -25.74 -2.44
C ILE A 132 1.27 -25.09 -3.81
N ALA A 133 0.05 -24.77 -4.22
CA ALA A 133 -0.22 -24.17 -5.53
C ALA A 133 -0.10 -22.65 -5.50
N LYS A 134 0.49 -22.09 -6.57
CA LYS A 134 0.71 -20.67 -6.76
C LYS A 134 -0.30 -20.14 -7.77
N VAL A 135 -1.12 -19.19 -7.34
CA VAL A 135 -2.15 -18.61 -8.19
C VAL A 135 -1.85 -17.13 -8.39
N ASP A 136 -1.86 -16.69 -9.65
CA ASP A 136 -1.74 -15.29 -10.04
C ASP A 136 -2.74 -14.95 -11.15
N LYS A 137 -3.63 -15.88 -11.48
CA LYS A 137 -4.60 -15.78 -12.56
C LYS A 137 -5.84 -16.57 -12.14
N VAL A 138 -7.02 -15.99 -12.32
CA VAL A 138 -8.26 -16.63 -11.85
C VAL A 138 -8.50 -17.97 -12.55
N GLU A 139 -8.17 -18.06 -13.84
CA GLU A 139 -8.33 -19.34 -14.53
C GLU A 139 -7.50 -20.44 -13.87
N ASP A 140 -6.34 -20.07 -13.32
CA ASP A 140 -5.48 -21.06 -12.70
C ASP A 140 -6.21 -21.83 -11.61
N LEU A 141 -7.16 -21.18 -10.92
CA LEU A 141 -7.84 -21.86 -9.82
C LEU A 141 -8.73 -22.99 -10.33
N LYS A 142 -9.49 -22.73 -11.40
CA LYS A 142 -10.29 -23.79 -12.02
C LYS A 142 -9.39 -24.93 -12.47
N LYS A 143 -8.29 -24.60 -13.16
CA LYS A 143 -7.40 -25.65 -13.66
C LYS A 143 -6.77 -26.45 -12.52
N ILE A 144 -6.36 -25.78 -11.45
CA ILE A 144 -5.72 -26.45 -10.33
C ILE A 144 -6.70 -27.37 -9.63
N VAL A 145 -7.93 -26.92 -9.39
CA VAL A 145 -8.90 -27.81 -8.75
C VAL A 145 -9.10 -29.05 -9.61
N GLU A 146 -9.17 -28.86 -10.93
CA GLU A 146 -9.22 -30.02 -11.82
C GLU A 146 -8.05 -30.97 -11.60
N LYS A 147 -6.82 -30.50 -11.83
CA LYS A 147 -5.68 -31.41 -11.76
C LYS A 147 -5.59 -32.07 -10.40
N VAL A 148 -5.98 -31.36 -9.33
CA VAL A 148 -5.85 -31.88 -7.99
C VAL A 148 -6.93 -32.91 -7.69
N LYS A 149 -8.15 -32.70 -8.19
CA LYS A 149 -9.13 -33.76 -8.08
C LYS A 149 -8.67 -34.99 -8.84
N ALA A 150 -7.98 -34.78 -9.97
CA ALA A 150 -7.45 -35.88 -10.77
C ALA A 150 -6.35 -36.65 -10.03
N HIS A 151 -5.52 -35.97 -9.24
CA HIS A 151 -4.45 -36.65 -8.54
C HIS A 151 -4.77 -36.95 -7.08
N GLY A 152 -5.93 -36.52 -6.60
CA GLY A 152 -6.36 -36.78 -5.23
C GLY A 152 -6.29 -35.54 -4.35
N THR A 153 -7.41 -35.13 -3.77
CA THR A 153 -7.46 -33.82 -3.13
C THR A 153 -6.60 -33.73 -1.87
N ASP A 154 -6.18 -34.87 -1.31
CA ASP A 154 -5.36 -34.87 -0.10
C ASP A 154 -3.89 -34.53 -0.36
N ILE A 155 -3.49 -34.35 -1.62
CA ILE A 155 -2.12 -33.99 -1.97
C ILE A 155 -1.85 -32.48 -1.91
N LEU A 156 -2.91 -31.66 -1.95
CA LEU A 156 -2.80 -30.20 -1.94
C LEU A 156 -3.06 -29.67 -0.53
N ALA A 157 -2.02 -29.11 0.11
CA ALA A 157 -2.12 -28.60 1.47
C ALA A 157 -2.19 -27.07 1.57
N GLY A 158 -1.88 -26.36 0.48
CA GLY A 158 -1.82 -24.92 0.58
C GLY A 158 -1.94 -24.24 -0.75
N ILE A 159 -2.31 -22.96 -0.69
CA ILE A 159 -2.37 -22.12 -1.87
C ILE A 159 -1.62 -20.84 -1.54
N LEU A 160 -0.85 -20.34 -2.49
CA LEU A 160 -0.16 -19.07 -2.33
C LEU A 160 -0.67 -18.14 -3.41
N ILE A 161 -1.15 -16.95 -3.01
CA ILE A 161 -1.74 -15.98 -3.93
C ILE A 161 -1.00 -14.66 -3.70
N SER A 162 0.09 -14.44 -4.44
CA SER A 162 0.99 -13.32 -4.15
C SER A 162 0.44 -12.05 -4.77
N PRO A 163 -0.02 -12.06 -6.01
CA PRO A 163 -0.91 -10.97 -6.43
C PRO A 163 -2.36 -11.38 -6.16
N LEU A 164 -2.93 -10.94 -5.03
CA LEU A 164 -4.34 -11.20 -4.72
C LEU A 164 -5.19 -10.14 -5.41
N LYS A 165 -5.76 -10.48 -6.47
CA LYS A 165 -6.54 -9.56 -7.29
C LYS A 165 -8.02 -9.71 -6.99
N PRO A 166 -8.77 -8.60 -7.13
CA PRO A 166 -10.21 -8.61 -6.80
C PRO A 166 -11.00 -9.72 -7.45
N GLU A 167 -10.73 -9.99 -8.74
CA GLU A 167 -11.47 -11.02 -9.46
C GLU A 167 -11.19 -12.42 -8.96
N MET A 168 -10.08 -12.65 -8.27
CA MET A 168 -9.80 -13.97 -7.72
C MET A 168 -10.59 -14.29 -6.46
N VAL A 169 -11.13 -13.30 -5.77
CA VAL A 169 -11.65 -13.53 -4.42
C VAL A 169 -12.73 -14.61 -4.41
N ASP A 170 -13.82 -14.40 -5.15
CA ASP A 170 -14.92 -15.37 -5.15
C ASP A 170 -14.46 -16.73 -5.68
N THR A 171 -13.66 -16.73 -6.74
CA THR A 171 -13.19 -18.00 -7.28
C THR A 171 -12.38 -18.77 -6.23
N LEU A 172 -11.54 -18.06 -5.48
CA LEU A 172 -10.80 -18.66 -4.38
C LEU A 172 -11.73 -19.19 -3.32
N LYS A 173 -12.75 -18.39 -2.98
CA LYS A 173 -13.72 -18.77 -1.96
C LYS A 173 -14.33 -20.14 -2.29
N LYS A 174 -14.65 -20.36 -3.56
CA LYS A 174 -15.22 -21.65 -3.97
C LYS A 174 -14.16 -22.75 -4.11
N ALA A 175 -13.03 -22.45 -4.75
CA ALA A 175 -11.98 -23.43 -4.95
C ALA A 175 -11.55 -24.05 -3.64
N ILE A 176 -11.46 -23.24 -2.59
CA ILE A 176 -11.14 -23.78 -1.28
C ILE A 176 -12.20 -24.80 -0.86
N ASP A 177 -13.46 -24.52 -1.19
CA ASP A 177 -14.53 -25.45 -0.87
C ASP A 177 -14.35 -26.77 -1.61
N GLU A 178 -13.73 -26.75 -2.79
CA GLU A 178 -13.51 -27.99 -3.52
C GLU A 178 -12.18 -28.66 -3.19
N LEU A 179 -11.45 -28.14 -2.22
CA LEU A 179 -10.10 -28.61 -1.91
C LEU A 179 -9.97 -28.78 -0.42
N PRO A 180 -10.61 -29.81 0.15
CA PRO A 180 -10.58 -29.97 1.63
C PRO A 180 -9.19 -30.23 2.15
N GLY A 181 -8.22 -30.46 1.28
CA GLY A 181 -6.85 -30.60 1.71
C GLY A 181 -6.16 -29.31 2.07
N VAL A 182 -6.63 -28.19 1.53
CA VAL A 182 -5.94 -26.91 1.73
C VAL A 182 -6.04 -26.51 3.20
N LYS A 183 -4.90 -26.56 3.91
CA LYS A 183 -4.81 -26.14 5.31
C LYS A 183 -4.18 -24.75 5.51
N THR A 184 -3.45 -24.22 4.52
CA THR A 184 -2.89 -22.87 4.70
C THR A 184 -3.01 -22.08 3.40
N VAL A 185 -3.36 -20.80 3.50
CA VAL A 185 -3.37 -19.90 2.35
C VAL A 185 -2.40 -18.75 2.64
N PHE A 186 -1.55 -18.41 1.67
CA PHE A 186 -0.49 -17.42 1.81
C PHE A 186 -0.81 -16.18 0.99
N LEU A 187 -0.70 -15.00 1.61
CA LEU A 187 -0.92 -13.70 1.01
C LEU A 187 0.30 -12.81 1.19
N SER A 188 0.43 -11.79 0.37
CA SER A 188 1.54 -10.85 0.49
C SER A 188 1.28 -9.89 1.66
N GLY A 189 2.18 -9.87 2.64
CA GLY A 189 2.01 -8.93 3.73
C GLY A 189 2.50 -7.52 3.43
N VAL A 190 2.94 -7.34 2.19
CA VAL A 190 3.63 -6.13 1.78
C VAL A 190 2.75 -5.29 0.87
N SER A 191 2.00 -5.93 -0.03
CA SER A 191 1.31 -5.21 -1.08
C SER A 191 -0.07 -5.79 -1.36
N ALA A 192 -0.71 -6.40 -0.40
CA ALA A 192 -2.04 -6.92 -0.68
C ALA A 192 -3.04 -5.82 -0.41
N ASN A 193 -4.08 -5.76 -1.23
CA ASN A 193 -5.13 -4.80 -0.96
C ASN A 193 -5.66 -5.08 0.46
N PRO A 194 -5.51 -4.15 1.40
CA PRO A 194 -5.84 -4.49 2.78
C PRO A 194 -7.28 -4.93 2.98
N ALA A 195 -8.22 -4.33 2.25
CA ALA A 195 -9.63 -4.71 2.39
C ALA A 195 -9.88 -6.16 1.97
N LEU A 196 -9.36 -6.55 0.81
CA LEU A 196 -9.44 -7.95 0.38
C LEU A 196 -8.72 -8.87 1.36
N ALA A 197 -7.62 -8.42 1.93
CA ALA A 197 -6.87 -9.26 2.86
C ALA A 197 -7.70 -9.55 4.09
N VAL A 198 -8.41 -8.52 4.59
CA VAL A 198 -9.27 -8.69 5.75
C VAL A 198 -10.39 -9.66 5.44
N GLU A 199 -11.07 -9.45 4.30
CA GLU A 199 -12.15 -10.35 3.91
C GLU A 199 -11.66 -11.79 3.77
N VAL A 200 -10.53 -12.00 3.10
CA VAL A 200 -10.04 -13.34 2.84
C VAL A 200 -9.58 -14.01 4.13
N THR A 201 -8.94 -13.24 5.01
CA THR A 201 -8.59 -13.77 6.32
C THR A 201 -9.83 -14.22 7.07
N LYS A 202 -10.89 -13.40 7.07
CA LYS A 202 -12.12 -13.77 7.76
C LYS A 202 -12.66 -15.09 7.22
N PHE A 203 -12.73 -15.19 5.89
CA PHE A 203 -13.23 -16.42 5.28
C PHE A 203 -12.39 -17.63 5.65
N LEU A 204 -11.06 -17.49 5.56
CA LEU A 204 -10.18 -18.62 5.87
C LEU A 204 -10.34 -19.07 7.31
N LEU A 205 -10.28 -18.12 8.26
CA LEU A 205 -10.38 -18.49 9.67
C LEU A 205 -11.70 -19.17 9.95
N GLU A 206 -12.79 -18.69 9.35
CA GLU A 206 -14.09 -19.33 9.54
C GLU A 206 -14.09 -20.77 9.04
N LYS A 207 -13.31 -21.07 8.00
CA LYS A 207 -13.21 -22.43 7.49
C LYS A 207 -12.14 -23.25 8.22
N GLY A 208 -11.60 -22.74 9.32
CA GLY A 208 -10.54 -23.45 10.01
C GLY A 208 -9.23 -23.50 9.25
N ILE A 209 -8.99 -22.57 8.32
CA ILE A 209 -7.75 -22.54 7.54
C ILE A 209 -6.80 -21.49 8.08
N ALA A 210 -5.52 -21.82 8.08
CA ALA A 210 -4.49 -20.90 8.55
C ALA A 210 -4.15 -19.87 7.48
N VAL A 211 -3.63 -18.73 7.95
CA VAL A 211 -3.17 -17.64 7.10
C VAL A 211 -1.65 -17.49 7.21
N GLY A 212 -0.98 -17.43 6.06
CA GLY A 212 0.44 -17.18 6.00
C GLY A 212 0.68 -15.82 5.36
N VAL A 213 1.60 -15.06 5.93
CA VAL A 213 1.87 -13.71 5.46
C VAL A 213 3.30 -13.67 4.90
N LEU A 214 3.45 -13.31 3.63
CA LEU A 214 4.78 -13.22 3.03
C LEU A 214 5.37 -11.88 3.41
N GLU A 215 6.50 -11.91 4.09
CA GLU A 215 7.12 -10.70 4.60
C GLU A 215 8.63 -10.79 4.38
N ARG A 216 9.03 -11.11 3.14
CA ARG A 216 10.43 -11.41 2.80
C ARG A 216 11.19 -10.14 2.42
N VAL A 217 11.34 -9.26 3.41
CA VAL A 217 12.06 -8.00 3.35
C VAL A 217 13.20 -8.13 4.34
N PRO A 218 14.14 -7.20 4.42
CA PRO A 218 15.23 -7.35 5.39
C PRO A 218 14.69 -7.32 6.81
N PRO A 219 15.36 -8.03 7.73
CA PRO A 219 14.81 -8.18 9.10
C PRO A 219 14.63 -6.87 9.84
N GLU A 220 15.40 -5.84 9.49
CA GLU A 220 15.20 -4.55 10.11
C GLU A 220 13.80 -3.99 9.84
N GLU A 221 13.28 -4.24 8.61
CA GLU A 221 11.92 -3.81 8.27
C GLU A 221 10.86 -4.60 9.02
N VAL A 222 11.11 -5.88 9.22
CA VAL A 222 10.18 -6.69 9.98
C VAL A 222 10.23 -6.29 11.45
N VAL A 223 11.42 -5.92 11.94
CA VAL A 223 11.52 -5.43 13.30
C VAL A 223 10.69 -4.20 13.48
N ALA A 224 10.73 -3.29 12.49
CA ALA A 224 9.86 -2.12 12.57
C ALA A 224 8.37 -2.52 12.50
N LEU A 225 8.03 -3.47 11.64
CA LEU A 225 6.64 -3.88 11.49
C LEU A 225 6.06 -4.46 12.78
N LEU A 226 6.83 -5.26 13.49
CA LEU A 226 6.37 -5.81 14.74
C LEU A 226 6.69 -4.93 15.92
N ASP A 227 7.17 -3.72 15.69
CA ASP A 227 7.53 -2.81 16.79
C ASP A 227 8.37 -3.55 17.83
N ALA A 228 9.47 -4.15 17.36
CA ALA A 228 10.27 -5.05 18.18
C ALA A 228 11.65 -4.48 18.48
N GLY A 229 11.78 -3.16 18.54
CA GLY A 229 13.06 -2.59 18.93
C GLY A 229 13.44 -2.87 20.37
N ALA A 230 12.46 -3.01 21.26
CA ALA A 230 12.72 -3.25 22.68
C ALA A 230 13.44 -4.58 22.96
N ASN B 1 19.30 13.46 -11.90
CA ASN B 1 18.34 12.91 -12.84
C ASN B 1 18.49 11.39 -13.08
N ASN B 2 19.10 10.68 -12.12
CA ASN B 2 19.23 9.23 -12.17
C ASN B 2 18.27 8.59 -11.16
N MET B 3 17.90 7.33 -11.41
CA MET B 3 17.09 6.59 -10.46
C MET B 3 17.79 5.31 -10.05
N PHE B 4 18.00 5.13 -8.75
CA PHE B 4 18.61 3.93 -8.22
C PHE B 4 17.54 2.99 -7.71
N LEU B 5 17.82 1.70 -7.79
CA LEU B 5 16.91 0.67 -7.29
C LEU B 5 17.75 -0.27 -6.43
N VAL B 6 17.56 -0.20 -5.11
CA VAL B 6 18.31 -1.02 -4.18
C VAL B 6 17.66 -2.38 -4.10
N VAL B 7 18.38 -3.39 -4.53
CA VAL B 7 17.78 -4.71 -4.72
C VAL B 7 18.56 -5.72 -3.89
N ALA B 8 17.87 -6.80 -3.55
CA ALA B 8 18.42 -7.90 -2.77
C ALA B 8 18.45 -9.10 -3.71
N LEU B 9 19.56 -9.28 -4.41
CA LEU B 9 19.66 -10.27 -5.47
C LEU B 9 20.23 -11.61 -5.01
N ASP B 10 20.39 -11.82 -3.72
CA ASP B 10 20.73 -13.14 -3.23
C ASP B 10 19.46 -13.94 -2.95
N GLY B 11 19.62 -15.25 -2.90
CA GLY B 11 18.51 -16.09 -2.50
C GLY B 11 17.49 -16.43 -3.55
N GLY B 12 17.59 -15.88 -4.75
CA GLY B 12 16.64 -16.20 -5.80
C GLY B 12 17.07 -17.41 -6.59
N ARG B 13 16.40 -17.60 -7.73
CA ARG B 13 16.72 -18.61 -8.72
C ARG B 13 17.92 -18.21 -9.57
N GLU B 14 18.42 -16.98 -9.37
CA GLU B 14 19.56 -16.34 -10.04
C GLU B 14 19.25 -15.96 -11.49
N ALA B 15 18.46 -16.77 -12.20
CA ALA B 15 17.98 -16.30 -13.51
C ALA B 15 17.11 -15.07 -13.33
N ASP B 16 16.39 -15.01 -12.20
CA ASP B 16 15.58 -13.85 -11.84
C ASP B 16 16.46 -12.63 -11.54
N ALA B 17 17.60 -12.85 -10.87
CA ALA B 17 18.53 -11.74 -10.60
C ALA B 17 19.08 -11.14 -11.88
N VAL B 18 19.47 -11.97 -12.85
CA VAL B 18 19.93 -11.41 -14.12
C VAL B 18 18.76 -10.76 -14.87
N ALA B 19 17.55 -11.34 -14.77
CA ALA B 19 16.39 -10.71 -15.38
C ALA B 19 16.16 -9.32 -14.82
N VAL B 20 16.37 -9.16 -13.51
CA VAL B 20 16.26 -7.87 -12.86
C VAL B 20 17.28 -6.90 -13.43
N MET B 21 18.54 -7.34 -13.54
CA MET B 21 19.59 -6.44 -14.04
C MET B 21 19.35 -6.05 -15.50
N LYS B 22 18.91 -7.01 -16.32
CA LYS B 22 18.55 -6.74 -17.71
C LYS B 22 17.48 -5.67 -17.80
N ALA B 23 16.37 -5.86 -17.05
CA ALA B 23 15.26 -4.91 -17.09
C ALA B 23 15.69 -3.52 -16.59
N ALA B 24 16.50 -3.47 -15.55
CA ALA B 24 16.99 -2.19 -15.06
C ALA B 24 17.79 -1.47 -16.14
N LYS B 25 18.76 -2.16 -16.74
CA LYS B 25 19.51 -1.54 -17.83
C LYS B 25 18.56 -1.00 -18.90
N GLU B 26 17.58 -1.82 -19.31
CA GLU B 26 16.65 -1.39 -20.34
C GLU B 26 15.91 -0.12 -19.95
N ARG B 27 15.55 0.00 -18.67
CA ARG B 27 14.65 1.04 -18.21
C ARG B 27 15.38 2.25 -17.65
N GLY B 28 16.70 2.29 -17.76
CA GLY B 28 17.48 3.41 -17.28
C GLY B 28 17.63 3.47 -15.78
N ILE B 29 17.69 2.32 -15.12
CA ILE B 29 17.72 2.24 -13.67
C ILE B 29 19.08 1.71 -13.24
N LYS B 30 19.76 2.47 -12.38
CA LYS B 30 21.00 2.03 -11.77
C LYS B 30 20.70 1.13 -10.59
N ILE B 31 21.55 0.14 -10.37
CA ILE B 31 21.31 -0.94 -9.42
C ILE B 31 22.28 -0.83 -8.26
N ILE B 32 21.78 -0.96 -7.05
CA ILE B 32 22.63 -1.10 -5.86
C ILE B 32 22.28 -2.41 -5.19
N LEU B 33 23.28 -3.26 -5.02
CA LEU B 33 23.07 -4.57 -4.44
C LEU B 33 23.15 -4.50 -2.92
N TRP B 34 22.10 -4.99 -2.27
CA TRP B 34 22.12 -5.25 -0.83
C TRP B 34 22.51 -6.71 -0.60
N LEU B 35 23.67 -6.94 0.05
CA LEU B 35 24.27 -8.26 0.16
C LEU B 35 23.80 -9.00 1.42
N ALA B 36 23.53 -10.30 1.24
CA ALA B 36 23.06 -11.17 2.32
C ALA B 36 24.04 -12.30 2.61
N GLY B 37 25.23 -12.25 2.02
CA GLY B 37 26.29 -13.16 2.41
C GLY B 37 26.92 -13.99 1.30
N ASP B 38 26.20 -14.23 0.21
CA ASP B 38 26.66 -15.17 -0.82
C ASP B 38 27.64 -14.47 -1.76
N VAL B 39 28.94 -14.69 -1.52
CA VAL B 39 29.97 -13.99 -2.29
C VAL B 39 30.15 -14.60 -3.69
N GLU B 40 29.86 -15.90 -3.86
CA GLU B 40 29.94 -16.47 -5.19
C GLU B 40 28.86 -15.89 -6.10
N ARG B 41 27.62 -15.78 -5.59
CA ARG B 41 26.59 -15.15 -6.41
C ARG B 41 26.92 -13.70 -6.70
N LEU B 42 27.54 -13.00 -5.74
CA LEU B 42 27.98 -11.64 -6.03
C LEU B 42 28.91 -11.61 -7.22
N LYS B 43 29.87 -12.54 -7.25
CA LYS B 43 30.81 -12.61 -8.37
C LYS B 43 30.09 -12.84 -9.69
N ARG B 44 29.15 -13.78 -9.72
CA ARG B 44 28.40 -14.06 -10.96
C ARG B 44 27.57 -12.87 -11.40
N LEU B 45 26.96 -12.15 -10.46
CA LEU B 45 26.17 -10.97 -10.80
C LEU B 45 27.04 -9.89 -11.41
N PHE B 46 28.23 -9.66 -10.85
CA PHE B 46 29.16 -8.72 -11.46
C PHE B 46 29.51 -9.14 -12.89
N GLU B 47 29.81 -10.43 -13.09
CA GLU B 47 30.14 -10.93 -14.41
C GLU B 47 29.01 -10.68 -15.42
N LYS B 48 27.80 -11.12 -15.09
CA LYS B 48 26.74 -10.96 -16.08
C LYS B 48 26.31 -9.52 -16.25
N ALA B 49 26.45 -8.69 -15.20
CA ALA B 49 26.17 -7.27 -15.36
C ALA B 49 27.18 -6.62 -16.29
N LYS B 50 28.42 -7.11 -16.29
CA LYS B 50 29.37 -6.71 -17.32
C LYS B 50 28.87 -7.10 -18.71
N GLU B 51 28.52 -8.39 -18.88
CA GLU B 51 28.02 -8.87 -20.18
C GLU B 51 26.85 -8.05 -20.70
N LEU B 52 25.89 -7.74 -19.85
CA LEU B 52 24.69 -7.04 -20.27
C LEU B 52 24.94 -5.55 -20.44
N GLY B 53 26.02 -5.04 -19.86
CA GLY B 53 26.27 -3.62 -19.75
C GLY B 53 25.63 -2.98 -18.53
N THR B 54 24.95 -3.75 -17.69
CA THR B 54 24.21 -3.17 -16.56
C THR B 54 25.16 -2.48 -15.59
N ASP B 55 24.75 -1.30 -15.11
CA ASP B 55 25.53 -0.53 -14.16
C ASP B 55 25.16 -0.99 -12.75
N ILE B 56 26.05 -1.76 -12.13
CA ILE B 56 25.96 -1.99 -10.70
C ILE B 56 26.67 -0.81 -10.04
N ALA B 57 25.88 0.19 -9.65
CA ALA B 57 26.46 1.38 -9.09
C ALA B 57 27.14 1.11 -7.75
N GLY B 58 26.63 0.16 -6.98
CA GLY B 58 27.15 -0.03 -5.63
C GLY B 58 26.68 -1.34 -5.04
N ILE B 59 27.28 -1.67 -3.90
CA ILE B 59 26.93 -2.85 -3.13
C ILE B 59 26.91 -2.43 -1.66
N ILE B 60 26.06 -3.10 -0.88
CA ILE B 60 25.86 -2.77 0.54
C ILE B 60 26.28 -3.94 1.39
N LEU B 61 27.23 -3.72 2.29
CA LEU B 61 27.54 -4.64 3.35
C LEU B 61 26.75 -4.24 4.60
N ASP B 62 25.85 -5.10 5.02
CA ASP B 62 24.91 -4.77 6.10
C ASP B 62 25.14 -5.78 7.22
N GLY B 63 25.79 -5.34 8.30
CA GLY B 63 26.13 -6.28 9.37
C GLY B 63 27.12 -7.37 9.03
N ALA B 64 28.15 -7.06 8.22
CA ALA B 64 29.12 -8.10 7.89
C ALA B 64 30.21 -8.20 8.95
N PRO B 65 30.65 -9.40 9.31
CA PRO B 65 31.78 -9.54 10.23
C PRO B 65 33.12 -9.40 9.49
N LEU B 66 34.18 -9.31 10.30
CA LEU B 66 35.50 -8.98 9.79
C LEU B 66 35.96 -9.90 8.67
N GLU B 67 35.65 -11.20 8.77
CA GLU B 67 36.12 -12.12 7.75
C GLU B 67 35.45 -11.94 6.40
N LYS B 68 34.30 -11.26 6.33
CA LYS B 68 33.60 -11.12 5.06
C LYS B 68 33.94 -9.83 4.32
N LEU B 69 34.58 -8.87 4.99
CA LEU B 69 34.79 -7.54 4.41
C LEU B 69 35.67 -7.62 3.17
N ARG B 70 36.87 -8.19 3.31
CA ARG B 70 37.87 -8.14 2.23
C ARG B 70 37.44 -8.81 0.93
N PRO B 71 36.86 -10.01 0.90
CA PRO B 71 36.48 -10.59 -0.40
C PRO B 71 35.49 -9.75 -1.17
N VAL B 72 34.50 -9.20 -0.46
CA VAL B 72 33.48 -8.35 -1.07
C VAL B 72 34.12 -7.08 -1.63
N ILE B 73 34.98 -6.44 -0.84
CA ILE B 73 35.65 -5.23 -1.30
C ILE B 73 36.53 -5.53 -2.50
N LYS B 74 37.14 -6.72 -2.52
CA LYS B 74 37.92 -7.09 -3.70
C LYS B 74 37.03 -7.09 -4.94
N LEU B 75 35.84 -7.67 -4.81
CA LEU B 75 34.92 -7.72 -5.94
C LEU B 75 34.51 -6.31 -6.37
N ALA B 76 34.22 -5.45 -5.40
CA ALA B 76 33.84 -4.07 -5.69
C ALA B 76 34.94 -3.33 -6.46
N ALA B 77 36.18 -3.47 -6.00
CA ALA B 77 37.31 -2.86 -6.71
C ALA B 77 37.47 -3.43 -8.11
N GLU B 78 37.39 -4.76 -8.24
CA GLU B 78 37.59 -5.40 -9.54
C GLU B 78 36.57 -4.92 -10.57
N PHE B 79 35.32 -4.65 -10.15
CA PHE B 79 34.27 -4.27 -11.10
C PHE B 79 33.84 -2.81 -11.01
N GLY B 80 34.43 -2.03 -10.12
CA GLY B 80 34.19 -0.59 -10.08
C GLY B 80 32.86 -0.17 -9.49
N ALA B 81 32.45 -0.78 -8.39
CA ALA B 81 31.20 -0.45 -7.72
C ALA B 81 31.51 0.26 -6.41
N ALA B 82 30.69 1.24 -6.06
CA ALA B 82 30.85 1.93 -4.78
C ALA B 82 30.43 1.02 -3.63
N LEU B 83 31.05 1.24 -2.47
CA LEU B 83 30.79 0.44 -1.28
C LEU B 83 29.96 1.25 -0.29
N PHE B 84 28.83 0.68 0.10
CA PHE B 84 27.99 1.19 1.18
C PHE B 84 28.19 0.28 2.37
N LEU B 85 28.47 0.87 3.53
CA LEU B 85 28.67 0.14 4.76
C LEU B 85 27.58 0.51 5.74
N ALA B 86 26.94 -0.50 6.33
CA ALA B 86 25.87 -0.26 7.29
C ALA B 86 25.95 -1.27 8.42
N ASN B 87 25.46 -0.85 9.59
CA ASN B 87 25.33 -1.72 10.74
C ASN B 87 26.61 -2.49 11.02
N MET B 88 27.75 -1.80 10.94
CA MET B 88 29.01 -2.45 11.23
C MET B 88 29.02 -2.88 12.70
N PRO B 89 29.58 -4.06 13.01
CA PRO B 89 29.49 -4.56 14.40
C PRO B 89 30.06 -3.60 15.44
N ASP B 90 31.28 -3.08 15.23
CA ASP B 90 31.86 -2.07 16.10
C ASP B 90 32.67 -1.10 15.27
N ALA B 91 33.07 0.00 15.90
CA ALA B 91 33.85 1.04 15.23
C ALA B 91 35.19 0.49 14.73
N ALA B 92 35.70 -0.57 15.35
CA ALA B 92 36.97 -1.13 14.89
C ALA B 92 36.78 -1.90 13.59
N THR B 93 35.74 -2.73 13.51
CA THR B 93 35.41 -3.39 12.25
C THR B 93 35.07 -2.38 11.16
N ALA B 94 34.33 -1.33 11.54
CA ALA B 94 34.02 -0.25 10.61
C ALA B 94 35.30 0.37 10.08
N GLU B 95 36.25 0.62 10.98
CA GLU B 95 37.54 1.23 10.58
C GLU B 95 38.25 0.27 9.63
N GLU B 96 38.23 -1.02 9.95
CA GLU B 96 38.93 -1.96 9.09
C GLU B 96 38.35 -1.95 7.69
N ALA B 97 37.02 -1.95 7.60
CA ALA B 97 36.36 -1.96 6.30
C ALA B 97 36.68 -0.70 5.50
N ILE B 98 36.60 0.47 6.15
CA ILE B 98 36.92 1.71 5.44
C ILE B 98 38.38 1.70 4.99
N LYS B 99 39.28 1.25 5.87
CA LYS B 99 40.70 1.24 5.58
C LYS B 99 41.01 0.37 4.36
N ILE B 100 40.50 -0.86 4.37
CA ILE B 100 40.71 -1.77 3.25
C ILE B 100 40.12 -1.20 1.98
N ALA B 101 38.91 -0.62 2.08
CA ALA B 101 38.23 -0.09 0.90
C ALA B 101 39.00 1.08 0.29
N LYS B 102 39.61 1.91 1.14
CA LYS B 102 40.41 3.02 0.61
C LYS B 102 41.72 2.53 0.00
N GLU B 103 42.36 1.53 0.62
CA GLU B 103 43.54 0.89 0.02
C GLU B 103 43.24 0.30 -1.36
N GLU B 104 41.98 -0.02 -1.64
CA GLU B 104 41.58 -0.49 -2.96
C GLU B 104 41.04 0.63 -3.83
N GLY B 105 41.02 1.87 -3.33
CA GLY B 105 40.59 2.97 -4.18
C GLY B 105 39.10 2.96 -4.49
N LEU B 106 38.27 2.69 -3.49
CA LEU B 106 36.83 2.62 -3.65
C LEU B 106 36.16 3.90 -3.17
N GLU B 107 35.06 4.27 -3.83
CA GLU B 107 34.14 5.24 -3.24
C GLU B 107 33.34 4.59 -2.12
N VAL B 108 33.38 5.19 -0.94
CA VAL B 108 32.80 4.62 0.27
C VAL B 108 31.72 5.53 0.82
N TYR B 109 30.52 4.99 1.02
CA TYR B 109 29.46 5.68 1.73
C TYR B 109 29.14 4.95 3.04
N LEU B 110 29.05 5.69 4.11
CA LEU B 110 28.78 5.16 5.44
C LEU B 110 27.37 5.55 5.83
N LEU B 111 26.52 4.55 6.08
CA LEU B 111 25.18 4.83 6.56
C LEU B 111 25.19 5.09 8.05
N ALA B 112 24.37 6.03 8.49
CA ALA B 112 24.34 6.31 9.92
C ALA B 112 22.96 6.81 10.28
N ASP B 113 22.45 6.36 11.41
CA ASP B 113 21.29 7.01 12.00
C ASP B 113 21.77 8.05 13.03
N LEU B 114 20.81 8.71 13.67
CA LEU B 114 21.14 9.87 14.50
C LEU B 114 22.09 9.50 15.63
N ASP B 115 21.85 8.36 16.30
CA ASP B 115 22.57 8.05 17.53
C ASP B 115 24.07 8.00 17.31
N ASN B 116 24.53 7.45 16.18
CA ASN B 116 25.96 7.43 15.89
C ASN B 116 26.31 8.17 14.60
N LEU B 117 25.58 9.25 14.32
CA LEU B 117 25.92 10.10 13.17
C LEU B 117 27.30 10.75 13.35
N ASP B 118 27.54 11.39 14.50
CA ASP B 118 28.79 12.11 14.73
C ASP B 118 30.01 11.22 14.52
N THR B 119 30.03 10.04 15.15
CA THR B 119 31.10 9.07 14.96
C THR B 119 31.39 8.84 13.48
N VAL B 120 30.33 8.56 12.71
CA VAL B 120 30.47 8.19 11.31
C VAL B 120 30.95 9.39 10.49
N LEU B 121 30.45 10.58 10.80
CA LEU B 121 31.01 11.78 10.17
C LEU B 121 32.50 11.90 10.43
N ALA B 122 32.92 11.67 11.68
CA ALA B 122 34.33 11.66 12.04
C ALA B 122 35.13 10.69 11.16
N LEU B 123 34.72 9.43 11.15
CA LEU B 123 35.40 8.43 10.33
C LEU B 123 35.47 8.86 8.86
N ALA B 124 34.37 9.40 8.34
CA ALA B 124 34.27 9.79 6.94
C ALA B 124 35.22 10.94 6.64
N LYS B 125 35.39 11.83 7.63
CA LYS B 125 36.36 12.91 7.58
C LYS B 125 37.78 12.36 7.56
N LYS B 126 38.06 11.35 8.40
CA LYS B 126 39.41 10.77 8.45
C LYS B 126 39.81 10.09 7.15
N TYR B 127 38.87 9.44 6.48
CA TYR B 127 39.24 8.65 5.32
C TYR B 127 38.72 9.21 4.01
N GLY B 128 38.01 10.33 4.04
CA GLY B 128 37.50 10.86 2.79
C GLY B 128 36.34 10.05 2.27
N ALA B 129 35.46 9.61 3.16
CA ALA B 129 34.26 8.87 2.78
C ALA B 129 33.04 9.77 2.92
N LYS B 130 31.98 9.44 2.19
CA LYS B 130 30.75 10.21 2.33
C LYS B 130 29.80 9.49 3.30
N VAL B 131 28.81 10.22 3.78
CA VAL B 131 27.86 9.70 4.77
C VAL B 131 26.46 9.80 4.18
N ILE B 132 25.63 8.80 4.51
CA ILE B 132 24.21 8.78 4.18
C ILE B 132 23.42 8.76 5.48
N ALA B 133 22.65 9.82 5.72
CA ALA B 133 21.92 9.96 6.98
C ALA B 133 20.56 9.28 6.89
N LYS B 134 20.23 8.53 7.94
CA LYS B 134 19.03 7.72 7.98
C LYS B 134 18.00 8.44 8.85
N VAL B 135 16.83 8.70 8.29
CA VAL B 135 15.77 9.40 8.99
C VAL B 135 14.60 8.47 9.21
N ASP B 136 14.15 8.41 10.47
CA ASP B 136 12.91 7.75 10.81
C ASP B 136 12.06 8.57 11.78
N LYS B 137 12.48 9.81 12.10
CA LYS B 137 11.76 10.69 13.01
C LYS B 137 11.93 12.12 12.50
N VAL B 138 10.84 12.88 12.48
CA VAL B 138 10.87 14.24 11.96
C VAL B 138 11.86 15.08 12.76
N GLU B 139 11.91 14.87 14.08
CA GLU B 139 12.86 15.57 14.93
C GLU B 139 14.30 15.31 14.51
N ASP B 140 14.60 14.13 13.98
CA ASP B 140 15.97 13.83 13.60
C ASP B 140 16.51 14.85 12.60
N LEU B 141 15.65 15.40 11.73
CA LEU B 141 16.18 16.11 10.56
C LEU B 141 16.95 17.36 10.95
N LYS B 142 16.38 18.18 11.84
CA LYS B 142 17.10 19.36 12.31
C LYS B 142 18.44 18.96 12.90
N LYS B 143 18.41 17.92 13.75
CA LYS B 143 19.64 17.48 14.40
C LYS B 143 20.67 17.05 13.36
N ILE B 144 20.23 16.38 12.29
CA ILE B 144 21.18 15.95 11.26
C ILE B 144 21.85 17.17 10.67
N VAL B 145 21.05 18.19 10.33
CA VAL B 145 21.63 19.39 9.74
C VAL B 145 22.63 20.01 10.70
N GLU B 146 22.27 20.07 12.00
CA GLU B 146 23.22 20.51 13.01
C GLU B 146 24.52 19.74 12.88
N LYS B 147 24.43 18.42 13.09
CA LYS B 147 25.63 17.59 13.10
C LYS B 147 26.38 17.67 11.79
N VAL B 148 25.70 17.90 10.67
CA VAL B 148 26.45 17.95 9.42
C VAL B 148 27.15 19.27 9.27
N LYS B 149 26.50 20.36 9.68
CA LYS B 149 27.14 21.67 9.57
C LYS B 149 28.40 21.76 10.43
N ALA B 150 28.43 21.08 11.57
CA ALA B 150 29.65 21.08 12.38
C ALA B 150 30.83 20.46 11.63
N HIS B 151 30.57 19.51 10.73
CA HIS B 151 31.63 18.85 9.98
C HIS B 151 31.75 19.29 8.54
N GLY B 152 30.83 20.11 8.01
CA GLY B 152 30.92 20.51 6.61
C GLY B 152 29.85 19.91 5.71
N THR B 153 29.19 20.73 4.87
CA THR B 153 28.01 20.28 4.13
C THR B 153 28.30 19.29 2.99
N ASP B 154 29.55 19.21 2.52
CA ASP B 154 29.91 18.29 1.44
C ASP B 154 30.12 16.85 1.89
N ILE B 155 30.12 16.56 3.20
CA ILE B 155 30.40 15.20 3.65
C ILE B 155 29.17 14.29 3.61
N LEU B 156 27.97 14.87 3.63
CA LEU B 156 26.71 14.12 3.59
C LEU B 156 26.20 14.10 2.15
N ALA B 157 26.20 12.91 1.53
CA ALA B 157 25.82 12.74 0.14
C ALA B 157 24.41 12.18 -0.04
N GLY B 158 23.78 11.68 1.02
CA GLY B 158 22.50 11.04 0.85
C GLY B 158 21.66 11.05 2.10
N ILE B 159 20.37 10.84 1.90
CA ILE B 159 19.40 10.71 2.97
C ILE B 159 18.55 9.48 2.69
N LEU B 160 18.23 8.72 3.72
CA LEU B 160 17.33 7.58 3.61
C LEU B 160 16.18 7.80 4.57
N ILE B 161 14.94 7.71 4.07
CA ILE B 161 13.73 7.91 4.87
C ILE B 161 12.90 6.63 4.76
N SER B 162 13.08 5.71 5.73
CA SER B 162 12.60 4.33 5.63
C SER B 162 11.10 4.26 5.85
N PRO B 163 10.56 4.82 6.95
CA PRO B 163 9.14 5.20 6.93
C PRO B 163 9.03 6.65 6.51
N LEU B 164 8.57 6.97 5.30
CA LEU B 164 8.36 8.38 4.96
C LEU B 164 7.03 8.84 5.53
N LYS B 165 7.08 9.59 6.62
CA LYS B 165 5.84 9.98 7.27
C LYS B 165 5.40 11.37 6.85
N PRO B 166 4.10 11.61 6.89
CA PRO B 166 3.56 12.91 6.43
C PRO B 166 4.22 14.15 7.04
N GLU B 167 4.51 14.15 8.34
CA GLU B 167 5.12 15.31 8.97
C GLU B 167 6.55 15.54 8.51
N MET B 168 7.20 14.52 7.95
CA MET B 168 8.57 14.71 7.52
C MET B 168 8.66 15.56 6.26
N VAL B 169 7.62 15.59 5.42
CA VAL B 169 7.78 16.09 4.06
C VAL B 169 8.34 17.50 4.04
N ASP B 170 7.64 18.44 4.68
CA ASP B 170 8.07 19.84 4.66
C ASP B 170 9.42 20.03 5.33
N THR B 171 9.63 19.35 6.46
CA THR B 171 10.90 19.44 7.15
C THR B 171 12.04 18.93 6.29
N LEU B 172 11.80 17.84 5.55
CA LEU B 172 12.77 17.29 4.63
C LEU B 172 13.07 18.28 3.52
N LYS B 173 12.05 18.95 2.99
CA LYS B 173 12.29 19.96 1.96
C LYS B 173 13.24 21.03 2.47
N LYS B 174 12.98 21.54 3.68
CA LYS B 174 13.85 22.60 4.20
C LYS B 174 15.24 22.08 4.52
N ALA B 175 15.32 20.91 5.18
CA ALA B 175 16.60 20.31 5.49
C ALA B 175 17.42 20.08 4.22
N ILE B 176 16.78 19.61 3.15
CA ILE B 176 17.49 19.40 1.91
C ILE B 176 18.05 20.72 1.42
N ASP B 177 17.29 21.80 1.60
CA ASP B 177 17.84 23.12 1.26
C ASP B 177 19.03 23.51 2.12
N GLU B 178 19.11 22.98 3.35
CA GLU B 178 20.20 23.37 4.22
C GLU B 178 21.43 22.49 4.04
N LEU B 179 21.40 21.53 3.10
CA LEU B 179 22.45 20.53 2.93
C LEU B 179 22.78 20.32 1.45
N PRO B 180 23.49 21.26 0.83
CA PRO B 180 23.79 21.14 -0.61
C PRO B 180 24.61 19.93 -0.97
N GLY B 181 25.14 19.19 0.00
CA GLY B 181 25.89 18.00 -0.29
C GLY B 181 25.04 16.83 -0.73
N VAL B 182 23.75 16.83 -0.40
CA VAL B 182 22.87 15.69 -0.66
C VAL B 182 22.72 15.47 -2.16
N LYS B 183 23.24 14.35 -2.66
CA LYS B 183 23.10 13.93 -4.04
C LYS B 183 22.01 12.90 -4.25
N THR B 184 21.60 12.17 -3.21
CA THR B 184 20.58 11.14 -3.39
C THR B 184 19.68 11.05 -2.16
N VAL B 185 18.39 10.85 -2.40
CA VAL B 185 17.44 10.56 -1.34
C VAL B 185 16.77 9.21 -1.63
N PHE B 186 16.69 8.36 -0.61
CA PHE B 186 16.19 6.99 -0.72
C PHE B 186 14.84 6.86 -0.02
N LEU B 187 13.87 6.29 -0.75
CA LEU B 187 12.50 6.05 -0.31
C LEU B 187 12.17 4.58 -0.41
N SER B 188 11.16 4.13 0.32
CA SER B 188 10.78 2.73 0.27
C SER B 188 9.93 2.47 -0.96
N GLY B 189 10.39 1.59 -1.85
CA GLY B 189 9.53 1.31 -2.98
C GLY B 189 8.42 0.34 -2.69
N VAL B 190 8.29 -0.04 -1.44
CA VAL B 190 7.41 -1.10 -1.03
C VAL B 190 6.24 -0.58 -0.19
N SER B 191 6.50 0.35 0.71
CA SER B 191 5.52 0.70 1.73
C SER B 191 5.50 2.20 1.96
N ALA B 192 5.77 2.97 0.93
CA ALA B 192 5.68 4.42 1.02
C ALA B 192 4.33 4.87 0.49
N ASN B 193 3.78 5.88 1.11
CA ASN B 193 2.55 6.41 0.60
C ASN B 193 2.74 6.94 -0.81
N PRO B 194 2.03 6.42 -1.81
CA PRO B 194 2.32 6.82 -3.21
C PRO B 194 2.20 8.31 -3.46
N ALA B 195 1.25 8.99 -2.83
CA ALA B 195 1.10 10.44 -3.00
C ALA B 195 2.31 11.19 -2.44
N LEU B 196 2.75 10.82 -1.23
CA LEU B 196 3.97 11.40 -0.68
C LEU B 196 5.19 11.05 -1.54
N ALA B 197 5.22 9.85 -2.11
CA ALA B 197 6.34 9.47 -2.96
C ALA B 197 6.39 10.33 -4.22
N VAL B 198 5.24 10.59 -4.83
CA VAL B 198 5.19 11.45 -6.02
C VAL B 198 5.64 12.87 -5.68
N GLU B 199 5.12 13.41 -4.58
CA GLU B 199 5.51 14.77 -4.20
C GLU B 199 7.03 14.87 -3.95
N VAL B 200 7.60 13.93 -3.20
CA VAL B 200 9.00 14.05 -2.84
C VAL B 200 9.88 13.83 -4.07
N THR B 201 9.51 12.87 -4.94
CA THR B 201 10.24 12.70 -6.19
C THR B 201 10.24 13.99 -7.00
N LYS B 202 9.07 14.64 -7.13
CA LYS B 202 9.02 15.90 -7.87
C LYS B 202 9.97 16.93 -7.27
N PHE B 203 9.94 17.09 -5.95
CA PHE B 203 10.79 18.06 -5.28
C PHE B 203 12.27 17.80 -5.56
N LEU B 204 12.69 16.53 -5.40
CA LEU B 204 14.07 16.14 -5.64
C LEU B 204 14.50 16.39 -7.09
N LEU B 205 13.72 15.89 -8.04
CA LEU B 205 14.11 16.04 -9.44
C LEU B 205 14.22 17.51 -9.79
N GLU B 206 13.38 18.35 -9.20
CA GLU B 206 13.53 19.79 -9.43
C GLU B 206 14.85 20.28 -8.89
N LYS B 207 15.31 19.72 -7.76
CA LYS B 207 16.60 20.15 -7.24
C LYS B 207 17.77 19.38 -7.81
N GLY B 208 17.57 18.58 -8.85
CA GLY B 208 18.69 17.83 -9.39
C GLY B 208 19.23 16.75 -8.47
N ILE B 209 18.42 16.28 -7.52
CA ILE B 209 18.80 15.21 -6.60
C ILE B 209 18.25 13.91 -7.14
N ALA B 210 19.03 12.84 -7.04
CA ALA B 210 18.59 11.55 -7.53
C ALA B 210 17.69 10.86 -6.49
N VAL B 211 16.86 9.96 -6.99
CA VAL B 211 15.94 9.19 -6.18
C VAL B 211 16.41 7.74 -6.14
N GLY B 212 16.44 7.18 -4.94
CA GLY B 212 16.72 5.77 -4.74
C GLY B 212 15.48 5.08 -4.21
N VAL B 213 15.19 3.90 -4.75
CA VAL B 213 14.02 3.14 -4.36
C VAL B 213 14.50 1.84 -3.71
N LEU B 214 14.14 1.64 -2.44
CA LEU B 214 14.51 0.42 -1.73
C LEU B 214 13.50 -0.67 -2.06
N GLU B 215 13.99 -1.77 -2.62
CA GLU B 215 13.17 -2.87 -3.11
C GLU B 215 13.80 -4.20 -2.72
N ARG B 216 14.15 -4.35 -1.44
CA ARG B 216 14.90 -5.52 -0.99
C ARG B 216 13.94 -6.64 -0.61
N VAL B 217 13.27 -7.14 -1.64
CA VAL B 217 12.33 -8.25 -1.59
C VAL B 217 12.98 -9.35 -2.43
N PRO B 218 12.45 -10.58 -2.46
CA PRO B 218 13.10 -11.60 -3.26
C PRO B 218 13.08 -11.23 -4.72
N PRO B 219 14.12 -11.60 -5.48
CA PRO B 219 14.24 -11.10 -6.85
C PRO B 219 13.08 -11.50 -7.77
N GLU B 220 12.37 -12.60 -7.47
CA GLU B 220 11.16 -12.95 -8.22
C GLU B 220 10.11 -11.84 -8.15
N GLU B 221 9.99 -11.20 -6.97
CA GLU B 221 9.08 -10.07 -6.82
C GLU B 221 9.55 -8.87 -7.62
N VAL B 222 10.86 -8.63 -7.66
CA VAL B 222 11.34 -7.51 -8.45
C VAL B 222 11.12 -7.76 -9.93
N VAL B 223 11.27 -9.02 -10.35
CA VAL B 223 10.96 -9.40 -11.72
C VAL B 223 9.49 -9.13 -12.03
N ALA B 224 8.60 -9.44 -11.08
CA ALA B 224 7.20 -9.11 -11.29
C ALA B 224 7.00 -7.60 -11.39
N LEU B 225 7.67 -6.84 -10.52
CA LEU B 225 7.52 -5.38 -10.51
C LEU B 225 7.95 -4.73 -11.83
N LEU B 226 9.07 -5.15 -12.38
CA LEU B 226 9.56 -4.61 -13.63
C LEU B 226 9.02 -5.35 -14.82
N ASP B 227 8.09 -6.28 -14.60
CA ASP B 227 7.50 -7.09 -15.67
C ASP B 227 8.58 -7.63 -16.60
N ALA B 228 9.57 -8.33 -16.04
CA ALA B 228 10.77 -8.70 -16.77
C ALA B 228 10.83 -10.19 -17.09
N GLY B 229 9.68 -10.84 -17.20
CA GLY B 229 9.62 -12.18 -17.75
C GLY B 229 9.82 -12.11 -19.26
N ALA B 230 11.02 -11.69 -19.69
CA ALA B 230 11.27 -11.25 -21.07
C ALA B 230 10.77 -12.23 -22.14
N ASN C 1 -20.33 -13.59 12.88
CA ASN C 1 -19.70 -13.69 11.58
C ASN C 1 -19.92 -12.40 10.79
N ASN C 2 -19.79 -11.24 11.43
CA ASN C 2 -20.10 -10.02 10.71
C ASN C 2 -18.85 -9.29 10.22
N MET C 3 -18.94 -8.77 9.00
CA MET C 3 -17.94 -7.88 8.46
C MET C 3 -18.66 -6.67 7.92
N PHE C 4 -18.25 -5.48 8.35
CA PHE C 4 -18.85 -4.26 7.84
C PHE C 4 -17.95 -3.64 6.79
N LEU C 5 -18.56 -2.87 5.90
CA LEU C 5 -17.82 -2.14 4.87
C LEU C 5 -18.36 -0.73 4.85
N VAL C 6 -17.57 0.24 5.31
CA VAL C 6 -18.03 1.62 5.31
C VAL C 6 -17.77 2.25 3.94
N VAL C 7 -18.83 2.64 3.25
CA VAL C 7 -18.73 3.12 1.88
C VAL C 7 -19.32 4.53 1.77
N ALA C 8 -18.84 5.29 0.79
CA ALA C 8 -19.33 6.63 0.47
C ALA C 8 -20.01 6.55 -0.90
N LEU C 9 -21.31 6.28 -0.89
CA LEU C 9 -22.08 6.02 -2.08
C LEU C 9 -22.87 7.22 -2.58
N ASP C 10 -22.58 8.45 -2.14
CA ASP C 10 -23.25 9.65 -2.68
C ASP C 10 -22.60 10.23 -3.94
N GLY C 11 -21.37 9.87 -4.28
CA GLY C 11 -20.76 10.36 -5.50
C GLY C 11 -20.96 9.42 -6.68
N GLY C 12 -20.38 9.80 -7.81
CA GLY C 12 -20.40 9.03 -9.05
C GLY C 12 -21.74 8.55 -9.56
N ARG C 13 -21.74 7.58 -10.49
CA ARG C 13 -23.00 7.08 -11.02
C ARG C 13 -23.71 6.19 -10.01
N GLU C 14 -25.03 6.39 -9.90
CA GLU C 14 -25.86 5.61 -8.99
C GLU C 14 -25.82 4.12 -9.31
N ALA C 15 -25.69 3.76 -10.58
CA ALA C 15 -25.55 2.34 -10.92
C ALA C 15 -24.33 1.72 -10.26
N ASP C 16 -23.25 2.49 -10.07
CA ASP C 16 -22.11 1.98 -9.32
C ASP C 16 -22.45 1.74 -7.86
N ALA C 17 -23.18 2.68 -7.24
CA ALA C 17 -23.56 2.49 -5.84
C ALA C 17 -24.40 1.23 -5.67
N VAL C 18 -25.33 1.00 -6.61
CA VAL C 18 -26.17 -0.18 -6.57
C VAL C 18 -25.35 -1.45 -6.81
N ALA C 19 -24.35 -1.40 -7.70
CA ALA C 19 -23.48 -2.55 -7.90
C ALA C 19 -22.69 -2.88 -6.64
N VAL C 20 -22.25 -1.85 -5.92
CA VAL C 20 -21.62 -2.06 -4.61
C VAL C 20 -22.60 -2.78 -3.67
N MET C 21 -23.85 -2.32 -3.62
CA MET C 21 -24.79 -2.92 -2.66
C MET C 21 -25.12 -4.36 -3.00
N LYS C 22 -25.35 -4.65 -4.29
CA LYS C 22 -25.59 -6.03 -4.71
C LYS C 22 -24.37 -6.92 -4.39
N ALA C 23 -23.16 -6.45 -4.72
CA ALA C 23 -21.99 -7.28 -4.46
C ALA C 23 -21.82 -7.53 -2.97
N ALA C 24 -22.08 -6.51 -2.14
CA ALA C 24 -21.97 -6.69 -0.70
C ALA C 24 -22.94 -7.76 -0.23
N LYS C 25 -24.21 -7.65 -0.62
CA LYS C 25 -25.18 -8.69 -0.30
C LYS C 25 -24.65 -10.07 -0.68
N GLU C 26 -24.13 -10.22 -1.91
CA GLU C 26 -23.60 -11.51 -2.35
C GLU C 26 -22.43 -11.99 -1.48
N ARG C 27 -21.60 -11.08 -0.97
CA ARG C 27 -20.43 -11.49 -0.22
C ARG C 27 -20.65 -11.52 1.28
N GLY C 28 -21.89 -11.37 1.72
CA GLY C 28 -22.15 -11.44 3.14
C GLY C 28 -21.59 -10.27 3.90
N ILE C 29 -21.54 -9.11 3.25
CA ILE C 29 -20.92 -7.92 3.80
C ILE C 29 -22.02 -6.93 4.13
N LYS C 30 -22.08 -6.52 5.39
CA LYS C 30 -23.01 -5.50 5.83
C LYS C 30 -22.43 -4.13 5.54
N ILE C 31 -23.28 -3.20 5.15
CA ILE C 31 -22.86 -1.92 4.61
C ILE C 31 -23.22 -0.80 5.58
N ILE C 32 -22.28 0.11 5.77
CA ILE C 32 -22.52 1.37 6.45
C ILE C 32 -22.24 2.49 5.43
N LEU C 33 -23.25 3.36 5.22
CA LEU C 33 -23.14 4.48 4.29
C LEU C 33 -22.52 5.69 4.97
N TRP C 34 -21.44 6.20 4.40
CA TRP C 34 -20.86 7.48 4.82
C TRP C 34 -21.42 8.57 3.93
N LEU C 35 -22.10 9.54 4.52
CA LEU C 35 -22.90 10.49 3.75
C LEU C 35 -22.11 11.73 3.37
N ALA C 36 -22.35 12.19 2.13
CA ALA C 36 -21.73 13.39 1.57
C ALA C 36 -22.75 14.45 1.16
N GLY C 37 -24.04 14.28 1.49
CA GLY C 37 -24.99 15.37 1.30
C GLY C 37 -26.24 15.06 0.50
N ASP C 38 -26.17 14.03 -0.34
CA ASP C 38 -27.26 13.72 -1.27
C ASP C 38 -28.34 12.90 -0.56
N VAL C 39 -29.39 13.56 -0.10
CA VAL C 39 -30.44 12.84 0.64
C VAL C 39 -31.40 12.12 -0.32
N GLU C 40 -31.55 12.63 -1.55
CA GLU C 40 -32.41 11.97 -2.53
C GLU C 40 -31.81 10.64 -2.93
N ARG C 41 -30.50 10.66 -3.16
CA ARG C 41 -29.76 9.44 -3.42
C ARG C 41 -29.81 8.51 -2.23
N LEU C 42 -29.79 9.09 -1.02
CA LEU C 42 -29.92 8.27 0.17
C LEU C 42 -31.23 7.50 0.16
N LYS C 43 -32.34 8.19 -0.13
CA LYS C 43 -33.63 7.52 -0.14
C LYS C 43 -33.69 6.46 -1.23
N ARG C 44 -33.13 6.75 -2.42
CA ARG C 44 -33.11 5.75 -3.48
C ARG C 44 -32.25 4.55 -3.07
N LEU C 45 -31.13 4.79 -2.39
CA LEU C 45 -30.28 3.69 -1.93
C LEU C 45 -31.00 2.84 -0.91
N PHE C 46 -31.72 3.47 0.02
CA PHE C 46 -32.52 2.71 0.97
C PHE C 46 -33.52 1.82 0.26
N GLU C 47 -34.24 2.38 -0.71
CA GLU C 47 -35.22 1.60 -1.47
C GLU C 47 -34.56 0.43 -2.17
N LYS C 48 -33.48 0.68 -2.92
CA LYS C 48 -32.88 -0.37 -3.73
C LYS C 48 -32.17 -1.43 -2.87
N ALA C 49 -31.60 -1.04 -1.74
CA ALA C 49 -31.01 -2.04 -0.85
C ALA C 49 -32.10 -2.91 -0.25
N LYS C 50 -33.26 -2.33 0.03
CA LYS C 50 -34.38 -3.17 0.42
C LYS C 50 -34.69 -4.19 -0.67
N GLU C 51 -34.86 -3.71 -1.91
CA GLU C 51 -35.16 -4.62 -3.01
C GLU C 51 -34.13 -5.74 -3.06
N LEU C 52 -32.85 -5.38 -3.01
CA LEU C 52 -31.80 -6.38 -3.11
C LEU C 52 -31.66 -7.17 -1.82
N GLY C 53 -32.17 -6.65 -0.72
CA GLY C 53 -31.94 -7.28 0.56
C GLY C 53 -30.65 -6.90 1.22
N THR C 54 -29.86 -6.00 0.62
CA THR C 54 -28.61 -5.62 1.25
C THR C 54 -28.88 -4.99 2.61
N ASP C 55 -28.08 -5.38 3.60
CA ASP C 55 -28.26 -4.87 4.95
C ASP C 55 -27.50 -3.55 5.03
N ILE C 56 -28.25 -2.45 5.04
CA ILE C 56 -27.68 -1.15 5.41
C ILE C 56 -27.73 -1.07 6.92
N ALA C 57 -26.63 -1.48 7.54
CA ALA C 57 -26.57 -1.55 8.99
C ALA C 57 -26.66 -0.17 9.60
N GLY C 58 -26.12 0.85 8.93
CA GLY C 58 -26.06 2.18 9.51
C GLY C 58 -25.68 3.22 8.48
N ILE C 59 -25.80 4.47 8.91
CA ILE C 59 -25.43 5.64 8.11
C ILE C 59 -24.69 6.59 9.02
N ILE C 60 -23.76 7.36 8.45
CA ILE C 60 -22.89 8.25 9.20
C ILE C 60 -23.16 9.68 8.76
N LEU C 61 -23.55 10.54 9.70
CA LEU C 61 -23.59 11.97 9.45
C LEU C 61 -22.30 12.55 9.99
N ASP C 62 -21.49 13.12 9.11
CA ASP C 62 -20.15 13.60 9.42
C ASP C 62 -20.09 15.08 9.09
N GLY C 63 -20.05 15.92 10.12
CA GLY C 63 -20.07 17.35 9.88
C GLY C 63 -21.31 17.86 9.18
N ALA C 64 -22.48 17.24 9.45
CA ALA C 64 -23.72 17.58 8.79
C ALA C 64 -24.37 18.77 9.49
N PRO C 65 -24.93 19.71 8.72
CA PRO C 65 -25.59 20.87 9.32
C PRO C 65 -26.98 20.50 9.82
N LEU C 66 -27.51 21.39 10.64
CA LEU C 66 -28.78 21.11 11.28
C LEU C 66 -29.90 20.96 10.23
N GLU C 67 -29.86 21.73 9.13
CA GLU C 67 -30.96 21.65 8.17
C GLU C 67 -31.01 20.30 7.47
N LYS C 68 -29.92 19.53 7.52
CA LYS C 68 -29.88 18.24 6.83
C LYS C 68 -30.22 17.08 7.74
N LEU C 69 -30.21 17.30 9.06
CA LEU C 69 -30.35 16.24 10.05
C LEU C 69 -31.69 15.52 9.95
N ARG C 70 -32.79 16.28 9.98
CA ARG C 70 -34.10 15.67 10.11
C ARG C 70 -34.46 14.76 8.95
N PRO C 71 -34.28 15.12 7.67
CA PRO C 71 -34.66 14.14 6.62
C PRO C 71 -33.84 12.87 6.69
N VAL C 72 -32.55 13.02 7.05
CA VAL C 72 -31.66 11.86 7.17
C VAL C 72 -32.11 10.97 8.33
N ILE C 73 -32.38 11.57 9.49
CA ILE C 73 -32.82 10.78 10.63
C ILE C 73 -34.15 10.10 10.34
N LYS C 74 -35.06 10.78 9.65
CA LYS C 74 -36.32 10.15 9.27
C LYS C 74 -36.09 8.97 8.35
N LEU C 75 -35.19 9.10 7.37
CA LEU C 75 -34.93 7.96 6.49
C LEU C 75 -34.35 6.79 7.25
N ALA C 76 -33.42 7.06 8.16
CA ALA C 76 -32.86 6.00 9.00
C ALA C 76 -33.96 5.28 9.75
N ALA C 77 -34.88 6.05 10.35
CA ALA C 77 -36.00 5.44 11.07
C ALA C 77 -36.87 4.59 10.15
N GLU C 78 -37.17 5.10 8.95
CA GLU C 78 -38.02 4.34 8.04
C GLU C 78 -37.38 3.01 7.66
N PHE C 79 -36.06 2.98 7.52
CA PHE C 79 -35.44 1.77 7.01
C PHE C 79 -34.66 0.98 8.04
N GLY C 80 -34.62 1.41 9.29
CA GLY C 80 -34.05 0.57 10.32
C GLY C 80 -32.54 0.52 10.32
N ALA C 81 -31.93 1.69 10.21
CA ALA C 81 -30.49 1.81 10.19
C ALA C 81 -30.01 2.45 11.48
N ALA C 82 -28.84 2.03 11.93
CA ALA C 82 -28.20 2.71 13.04
C ALA C 82 -27.69 4.06 12.54
N LEU C 83 -27.67 5.04 13.43
CA LEU C 83 -27.18 6.37 13.12
C LEU C 83 -25.85 6.59 13.81
N PHE C 84 -24.82 6.90 13.02
CA PHE C 84 -23.53 7.29 13.55
C PHE C 84 -23.42 8.80 13.37
N LEU C 85 -22.99 9.50 14.41
CA LEU C 85 -22.78 10.93 14.38
C LEU C 85 -21.30 11.21 14.60
N ALA C 86 -20.69 12.00 13.73
CA ALA C 86 -19.26 12.27 13.77
C ALA C 86 -19.03 13.73 13.45
N ASN C 87 -17.95 14.29 14.01
CA ASN C 87 -17.50 15.65 13.70
C ASN C 87 -18.69 16.62 13.67
N MET C 88 -19.59 16.51 14.63
CA MET C 88 -20.76 17.37 14.65
C MET C 88 -20.32 18.82 14.76
N PRO C 89 -20.97 19.74 14.04
CA PRO C 89 -20.46 21.11 13.98
C PRO C 89 -20.34 21.81 15.33
N ASP C 90 -21.39 21.79 16.14
CA ASP C 90 -21.31 22.41 17.46
C ASP C 90 -22.20 21.62 18.43
N ALA C 91 -22.04 21.91 19.72
CA ALA C 91 -22.73 21.11 20.73
C ALA C 91 -24.24 21.12 20.55
N ALA C 92 -24.80 22.20 20.03
CA ALA C 92 -26.26 22.27 19.93
C ALA C 92 -26.77 21.39 18.80
N THR C 93 -26.10 21.40 17.64
CA THR C 93 -26.49 20.49 16.56
C THR C 93 -26.38 19.03 16.99
N ALA C 94 -25.29 18.68 17.68
CA ALA C 94 -25.13 17.31 18.19
C ALA C 94 -26.25 16.93 19.15
N GLU C 95 -26.52 17.78 20.14
CA GLU C 95 -27.62 17.50 21.06
C GLU C 95 -28.93 17.32 20.32
N GLU C 96 -29.22 18.21 19.37
CA GLU C 96 -30.45 18.12 18.60
C GLU C 96 -30.52 16.82 17.81
N ALA C 97 -29.40 16.44 17.20
CA ALA C 97 -29.35 15.22 16.40
C ALA C 97 -29.62 14.00 17.26
N ILE C 98 -29.00 13.93 18.46
CA ILE C 98 -29.25 12.80 19.33
C ILE C 98 -30.71 12.81 19.79
N LYS C 99 -31.22 14.00 20.15
CA LYS C 99 -32.60 14.11 20.65
C LYS C 99 -33.60 13.58 19.65
N ILE C 100 -33.51 14.05 18.40
CA ILE C 100 -34.43 13.61 17.34
C ILE C 100 -34.25 12.12 17.02
N ALA C 101 -32.99 11.63 17.01
CA ALA C 101 -32.76 10.22 16.74
C ALA C 101 -33.37 9.34 17.82
N LYS C 102 -33.26 9.77 19.07
CA LYS C 102 -33.86 8.99 20.15
C LYS C 102 -35.37 9.10 20.11
N GLU C 103 -35.89 10.29 19.77
CA GLU C 103 -37.33 10.45 19.55
C GLU C 103 -37.84 9.51 18.46
N GLU C 104 -36.97 9.09 17.54
CA GLU C 104 -37.36 8.16 16.49
C GLU C 104 -37.02 6.71 16.83
N GLY C 105 -36.48 6.45 18.01
CA GLY C 105 -36.17 5.10 18.44
C GLY C 105 -35.00 4.49 17.71
N LEU C 106 -33.95 5.28 17.48
CA LEU C 106 -32.81 4.84 16.70
C LEU C 106 -31.68 4.38 17.59
N GLU C 107 -30.93 3.40 17.10
CA GLU C 107 -29.62 3.08 17.64
C GLU C 107 -28.63 4.16 17.23
N VAL C 108 -28.02 4.83 18.21
CA VAL C 108 -27.16 5.98 17.98
C VAL C 108 -25.74 5.69 18.46
N TYR C 109 -24.78 5.83 17.57
CA TYR C 109 -23.38 5.75 17.95
C TYR C 109 -22.73 7.12 17.77
N LEU C 110 -22.00 7.54 18.79
CA LEU C 110 -21.32 8.82 18.78
C LEU C 110 -19.84 8.57 18.60
N LEU C 111 -19.26 9.11 17.53
CA LEU C 111 -17.82 8.98 17.37
C LEU C 111 -17.08 10.00 18.21
N ALA C 112 -15.94 9.61 18.74
CA ALA C 112 -15.16 10.53 19.54
C ALA C 112 -13.71 10.14 19.47
N ASP C 113 -12.88 11.14 19.29
CA ASP C 113 -11.47 10.98 19.55
C ASP C 113 -11.25 11.41 20.99
N LEU C 114 -10.00 11.37 21.43
CA LEU C 114 -9.70 11.62 22.82
C LEU C 114 -10.15 13.00 23.24
N ASP C 115 -9.91 14.01 22.39
CA ASP C 115 -10.09 15.39 22.79
C ASP C 115 -11.51 15.65 23.28
N ASN C 116 -12.50 15.06 22.65
CA ASN C 116 -13.83 15.31 23.15
C ASN C 116 -14.52 14.05 23.65
N LEU C 117 -13.74 13.07 24.09
CA LEU C 117 -14.33 11.84 24.61
C LEU C 117 -15.26 12.14 25.78
N ASP C 118 -14.77 12.90 26.75
CA ASP C 118 -15.61 13.27 27.90
C ASP C 118 -16.93 13.85 27.41
N THR C 119 -16.85 14.89 26.57
CA THR C 119 -18.05 15.50 26.01
C THR C 119 -18.98 14.43 25.45
N VAL C 120 -18.43 13.55 24.61
CA VAL C 120 -19.27 12.59 23.93
C VAL C 120 -19.84 11.59 24.93
N LEU C 121 -19.01 11.14 25.88
CA LEU C 121 -19.51 10.28 26.94
C LEU C 121 -20.70 10.91 27.66
N ALA C 122 -20.59 12.20 28.00
CA ALA C 122 -21.73 12.84 28.65
C ALA C 122 -22.99 12.63 27.84
N LEU C 123 -22.97 13.05 26.56
CA LEU C 123 -24.15 12.90 25.71
C LEU C 123 -24.60 11.46 25.67
N ALA C 124 -23.64 10.53 25.62
CA ALA C 124 -24.01 9.14 25.48
C ALA C 124 -24.80 8.66 26.68
N LYS C 125 -24.41 9.08 27.90
CA LYS C 125 -25.25 8.73 29.05
C LYS C 125 -26.56 9.49 29.00
N LYS C 126 -26.50 10.78 28.65
CA LYS C 126 -27.70 11.60 28.72
C LYS C 126 -28.81 11.06 27.82
N TYR C 127 -28.45 10.46 26.67
CA TYR C 127 -29.47 9.92 25.76
C TYR C 127 -29.43 8.42 25.59
N GLY C 128 -28.49 7.72 26.22
CA GLY C 128 -28.49 6.28 26.11
C GLY C 128 -28.00 5.78 24.77
N ALA C 129 -26.97 6.40 24.23
CA ALA C 129 -26.31 6.01 23.00
C ALA C 129 -24.93 5.44 23.32
N LYS C 130 -24.40 4.65 22.39
CA LYS C 130 -23.05 4.11 22.57
C LYS C 130 -22.03 5.02 21.90
N VAL C 131 -20.76 4.81 22.21
CA VAL C 131 -19.65 5.62 21.70
C VAL C 131 -18.71 4.73 20.91
N ILE C 132 -18.14 5.29 19.84
CA ILE C 132 -17.06 4.66 19.08
C ILE C 132 -15.84 5.56 19.18
N ALA C 133 -14.76 5.03 19.73
CA ALA C 133 -13.54 5.81 19.95
C ALA C 133 -12.61 5.74 18.73
N LYS C 134 -12.05 6.89 18.38
CA LYS C 134 -11.18 7.08 17.22
C LYS C 134 -9.77 7.28 17.72
N VAL C 135 -8.87 6.32 17.45
CA VAL C 135 -7.50 6.34 17.95
C VAL C 135 -6.52 6.39 16.79
N ASP C 136 -5.51 7.26 16.92
CA ASP C 136 -4.44 7.37 15.94
C ASP C 136 -3.07 7.44 16.62
N LYS C 137 -3.02 7.24 17.94
CA LYS C 137 -1.80 7.26 18.72
C LYS C 137 -1.95 6.26 19.87
N VAL C 138 -0.91 5.47 20.13
CA VAL C 138 -1.00 4.45 21.19
C VAL C 138 -1.37 5.10 22.52
N GLU C 139 -0.80 6.27 22.80
CA GLU C 139 -1.09 6.97 24.04
C GLU C 139 -2.58 7.27 24.17
N ASP C 140 -3.20 7.66 23.06
CA ASP C 140 -4.62 7.96 23.08
C ASP C 140 -5.41 6.73 23.48
N LEU C 141 -4.95 5.56 23.06
CA LEU C 141 -5.71 4.35 23.35
C LEU C 141 -5.66 4.03 24.84
N LYS C 142 -4.46 4.11 25.45
CA LYS C 142 -4.36 3.92 26.91
C LYS C 142 -5.22 4.91 27.69
N LYS C 143 -5.18 6.19 27.31
CA LYS C 143 -6.01 7.16 28.01
C LYS C 143 -7.49 6.86 27.84
N ILE C 144 -7.90 6.45 26.64
CA ILE C 144 -9.32 6.16 26.42
C ILE C 144 -9.76 4.99 27.29
N VAL C 145 -8.93 3.95 27.38
CA VAL C 145 -9.25 2.81 28.24
C VAL C 145 -9.45 3.24 29.67
N GLU C 146 -8.56 4.11 30.17
CA GLU C 146 -8.72 4.65 31.52
C GLU C 146 -10.08 5.32 31.67
N LYS C 147 -10.36 6.35 30.85
CA LYS C 147 -11.61 7.10 30.98
C LYS C 147 -12.84 6.22 30.83
N VAL C 148 -12.77 5.18 30.00
CA VAL C 148 -13.95 4.37 29.76
C VAL C 148 -14.18 3.39 30.92
N LYS C 149 -13.12 2.85 31.50
CA LYS C 149 -13.31 2.07 32.72
C LYS C 149 -13.94 2.94 33.81
N ALA C 150 -13.51 4.20 33.90
CA ALA C 150 -14.10 5.12 34.87
C ALA C 150 -15.56 5.43 34.58
N HIS C 151 -15.99 5.46 33.31
CA HIS C 151 -17.39 5.76 33.01
C HIS C 151 -18.25 4.55 32.66
N GLY C 152 -17.66 3.36 32.60
CA GLY C 152 -18.39 2.13 32.31
C GLY C 152 -18.10 1.58 30.95
N THR C 153 -17.60 0.34 30.89
CA THR C 153 -17.10 -0.17 29.63
C THR C 153 -18.22 -0.48 28.65
N ASP C 154 -19.46 -0.61 29.11
CA ASP C 154 -20.52 -0.98 28.16
C ASP C 154 -21.03 0.21 27.34
N ILE C 155 -20.48 1.40 27.55
CA ILE C 155 -20.78 2.56 26.71
C ILE C 155 -19.93 2.59 25.42
N LEU C 156 -18.80 1.86 25.35
CA LEU C 156 -17.92 1.88 24.19
C LEU C 156 -18.22 0.65 23.32
N ALA C 157 -18.79 0.86 22.14
CA ALA C 157 -19.19 -0.27 21.30
C ALA C 157 -18.20 -0.56 20.18
N GLY C 158 -17.30 0.36 19.90
CA GLY C 158 -16.42 0.18 18.78
C GLY C 158 -15.21 1.06 18.95
N ILE C 159 -14.18 0.72 18.17
CA ILE C 159 -12.94 1.48 18.11
C ILE C 159 -12.58 1.63 16.63
N LEU C 160 -12.09 2.81 16.26
CA LEU C 160 -11.68 3.08 14.89
C LEU C 160 -10.20 3.43 14.90
N ILE C 161 -9.40 2.73 14.08
CA ILE C 161 -7.95 2.93 14.01
C ILE C 161 -7.58 3.19 12.56
N SER C 162 -7.55 4.45 12.17
CA SER C 162 -7.41 4.65 10.74
C SER C 162 -5.95 4.55 10.31
N PRO C 163 -5.03 5.23 10.99
CA PRO C 163 -3.63 4.84 10.82
C PRO C 163 -3.30 3.75 11.81
N LEU C 164 -3.33 2.51 11.36
CA LEU C 164 -2.96 1.37 12.19
C LEU C 164 -1.44 1.25 12.20
N LYS C 165 -0.82 1.70 13.26
CA LYS C 165 0.64 1.76 13.33
C LYS C 165 1.16 0.49 13.98
N PRO C 166 2.37 0.02 13.63
CA PRO C 166 2.86 -1.22 14.24
C PRO C 166 2.78 -1.20 15.76
N GLU C 167 3.17 -0.08 16.38
CA GLU C 167 3.18 0.05 17.83
C GLU C 167 1.78 0.01 18.45
N MET C 168 0.72 0.21 17.66
CA MET C 168 -0.64 0.09 18.17
C MET C 168 -1.09 -1.34 18.38
N VAL C 169 -0.52 -2.31 17.64
CA VAL C 169 -1.13 -3.64 17.55
C VAL C 169 -1.31 -4.24 18.95
N ASP C 170 -0.20 -4.40 19.68
CA ASP C 170 -0.26 -5.00 21.01
C ASP C 170 -1.12 -4.18 21.94
N THR C 171 -1.01 -2.84 21.91
CA THR C 171 -1.83 -2.06 22.81
C THR C 171 -3.30 -2.28 22.53
N LEU C 172 -3.67 -2.34 21.24
CA LEU C 172 -5.07 -2.58 20.92
C LEU C 172 -5.52 -3.92 21.50
N LYS C 173 -4.69 -4.96 21.37
CA LYS C 173 -5.07 -6.26 21.92
C LYS C 173 -5.42 -6.14 23.38
N LYS C 174 -4.55 -5.47 24.14
CA LYS C 174 -4.78 -5.39 25.57
C LYS C 174 -6.01 -4.54 25.86
N ALA C 175 -6.17 -3.44 25.11
CA ALA C 175 -7.35 -2.61 25.32
C ALA C 175 -8.61 -3.41 25.14
N ILE C 176 -8.66 -4.24 24.10
CA ILE C 176 -9.88 -4.99 23.84
C ILE C 176 -10.18 -5.93 25.01
N ASP C 177 -9.12 -6.49 25.62
CA ASP C 177 -9.33 -7.39 26.76
C ASP C 177 -10.02 -6.68 27.91
N GLU C 178 -9.78 -5.38 28.07
CA GLU C 178 -10.38 -4.59 29.13
C GLU C 178 -11.65 -3.85 28.71
N LEU C 179 -12.19 -4.12 27.53
CA LEU C 179 -13.32 -3.38 26.99
C LEU C 179 -14.35 -4.36 26.43
N PRO C 180 -15.04 -5.09 27.32
CA PRO C 180 -15.95 -6.14 26.84
C PRO C 180 -17.14 -5.62 26.06
N GLY C 181 -17.38 -4.31 26.06
CA GLY C 181 -18.43 -3.72 25.27
C GLY C 181 -18.14 -3.59 23.79
N VAL C 182 -16.86 -3.58 23.40
CA VAL C 182 -16.47 -3.31 22.02
C VAL C 182 -16.94 -4.45 21.11
N LYS C 183 -17.85 -4.12 20.20
CA LYS C 183 -18.40 -5.06 19.23
C LYS C 183 -17.77 -4.90 17.86
N THR C 184 -17.22 -3.72 17.54
CA THR C 184 -16.64 -3.61 16.22
C THR C 184 -15.38 -2.76 16.27
N VAL C 185 -14.37 -3.21 15.53
CA VAL C 185 -13.17 -2.42 15.31
C VAL C 185 -13.04 -2.17 13.81
N PHE C 186 -12.77 -0.92 13.46
CA PHE C 186 -12.73 -0.43 12.09
C PHE C 186 -11.28 -0.15 11.72
N LEU C 187 -10.86 -0.68 10.56
CA LEU C 187 -9.54 -0.49 9.96
C LEU C 187 -9.70 0.07 8.55
N SER C 188 -8.64 0.72 8.05
CA SER C 188 -8.67 1.30 6.72
C SER C 188 -8.46 0.22 5.67
N GLY C 189 -9.44 0.02 4.78
CA GLY C 189 -9.27 -0.95 3.74
C GLY C 189 -8.46 -0.44 2.58
N VAL C 190 -7.96 0.79 2.71
CA VAL C 190 -7.29 1.51 1.66
C VAL C 190 -5.81 1.65 1.95
N SER C 191 -5.44 1.93 3.20
CA SER C 191 -4.04 2.28 3.43
C SER C 191 -3.47 1.62 4.69
N ALA C 192 -4.01 0.47 5.10
CA ALA C 192 -3.51 -0.23 6.26
C ALA C 192 -2.49 -1.28 5.85
N ASN C 193 -1.45 -1.43 6.66
CA ASN C 193 -0.43 -2.44 6.42
C ASN C 193 -1.08 -3.82 6.35
N PRO C 194 -0.98 -4.52 5.21
CA PRO C 194 -1.72 -5.78 5.09
C PRO C 194 -1.37 -6.81 6.15
N ALA C 195 -0.10 -6.90 6.58
CA ALA C 195 0.28 -7.88 7.60
C ALA C 195 -0.37 -7.56 8.94
N LEU C 196 -0.31 -6.30 9.35
CA LEU C 196 -0.99 -5.88 10.56
C LEU C 196 -2.50 -6.09 10.44
N ALA C 197 -3.05 -5.86 9.24
CA ALA C 197 -4.48 -6.05 9.06
C ALA C 197 -4.86 -7.52 9.20
N VAL C 198 -4.05 -8.44 8.65
CA VAL C 198 -4.35 -9.86 8.81
C VAL C 198 -4.28 -10.28 10.27
N GLU C 199 -3.19 -9.88 10.95
CA GLU C 199 -3.01 -10.21 12.36
C GLU C 199 -4.17 -9.69 13.22
N VAL C 200 -4.54 -8.43 13.03
CA VAL C 200 -5.59 -7.85 13.85
C VAL C 200 -6.94 -8.45 13.51
N THR C 201 -7.19 -8.74 12.24
CA THR C 201 -8.43 -9.46 11.92
C THR C 201 -8.49 -10.79 12.64
N LYS C 202 -7.38 -11.56 12.62
CA LYS C 202 -7.36 -12.84 13.30
C LYS C 202 -7.71 -12.68 14.77
N PHE C 203 -7.04 -11.73 15.43
CA PHE C 203 -7.31 -11.46 16.84
C PHE C 203 -8.78 -11.06 17.07
N LEU C 204 -9.32 -10.15 16.27
CA LEU C 204 -10.70 -9.71 16.46
C LEU C 204 -11.69 -10.86 16.31
N LEU C 205 -11.57 -11.65 15.24
CA LEU C 205 -12.52 -12.74 15.05
C LEU C 205 -12.45 -13.74 16.19
N GLU C 206 -11.23 -14.01 16.70
CA GLU C 206 -11.12 -14.94 17.82
C GLU C 206 -11.82 -14.43 19.07
N LYS C 207 -11.83 -13.12 19.28
CA LYS C 207 -12.50 -12.53 20.42
C LYS C 207 -13.98 -12.28 20.17
N GLY C 208 -14.53 -12.80 19.08
CA GLY C 208 -15.92 -12.52 18.78
C GLY C 208 -16.24 -11.08 18.44
N ILE C 209 -15.26 -10.31 17.97
CA ILE C 209 -15.47 -8.92 17.59
C ILE C 209 -15.57 -8.79 16.07
N ALA C 210 -16.49 -7.94 15.61
CA ALA C 210 -16.63 -7.74 14.18
C ALA C 210 -15.56 -6.77 13.66
N VAL C 211 -15.24 -6.96 12.38
CA VAL C 211 -14.26 -6.16 11.66
C VAL C 211 -14.98 -5.26 10.67
N GLY C 212 -14.65 -3.97 10.72
CA GLY C 212 -15.18 -3.01 9.79
C GLY C 212 -14.05 -2.47 8.93
N VAL C 213 -14.31 -2.41 7.63
CA VAL C 213 -13.32 -1.95 6.67
C VAL C 213 -13.82 -0.60 6.17
N LEU C 214 -13.00 0.42 6.32
CA LEU C 214 -13.32 1.75 5.82
C LEU C 214 -12.93 1.82 4.35
N GLU C 215 -13.90 2.11 3.48
CA GLU C 215 -13.71 2.17 2.03
C GLU C 215 -14.46 3.37 1.46
N ARG C 216 -14.25 4.54 2.05
CA ARG C 216 -14.99 5.75 1.67
C ARG C 216 -14.31 6.44 0.49
N VAL C 217 -14.27 5.72 -0.62
CA VAL C 217 -13.72 6.16 -1.89
C VAL C 217 -14.90 6.20 -2.83
N PRO C 218 -14.80 6.76 -4.03
CA PRO C 218 -15.96 6.80 -4.92
C PRO C 218 -16.41 5.40 -5.25
N PRO C 219 -17.70 5.20 -5.50
CA PRO C 219 -18.23 3.85 -5.70
C PRO C 219 -17.58 3.09 -6.85
N GLU C 220 -17.08 3.80 -7.86
CA GLU C 220 -16.38 3.15 -8.98
C GLU C 220 -15.17 2.34 -8.50
N GLU C 221 -14.40 2.89 -7.56
CA GLU C 221 -13.25 2.17 -7.01
C GLU C 221 -13.69 0.96 -6.21
N VAL C 222 -14.81 1.05 -5.50
CA VAL C 222 -15.30 -0.09 -4.74
C VAL C 222 -15.86 -1.18 -5.65
N VAL C 223 -16.52 -0.78 -6.75
CA VAL C 223 -16.97 -1.74 -7.75
C VAL C 223 -15.77 -2.49 -8.33
N ALA C 224 -14.67 -1.78 -8.57
CA ALA C 224 -13.46 -2.46 -8.98
C ALA C 224 -12.95 -3.40 -7.88
N LEU C 225 -12.97 -2.95 -6.63
CA LEU C 225 -12.45 -3.74 -5.53
C LEU C 225 -13.20 -5.06 -5.36
N LEU C 226 -14.53 -5.04 -5.50
CA LEU C 226 -15.38 -6.22 -5.33
C LEU C 226 -15.60 -7.00 -6.61
N ASP C 227 -14.90 -6.67 -7.68
CA ASP C 227 -15.08 -7.26 -9.01
C ASP C 227 -16.56 -7.30 -9.40
N ALA C 228 -17.24 -6.17 -9.30
CA ALA C 228 -18.68 -6.15 -9.49
C ALA C 228 -19.06 -5.46 -10.79
N GLY C 229 -18.17 -5.47 -11.79
CA GLY C 229 -18.42 -4.93 -13.10
C GLY C 229 -19.34 -5.73 -13.99
N ALA C 230 -20.24 -6.51 -13.40
CA ALA C 230 -21.21 -7.28 -14.16
C ALA C 230 -22.64 -6.81 -13.86
N ASN D 1 7.35 23.01 -13.01
CA ASN D 1 6.27 22.08 -13.40
C ASN D 1 5.16 22.01 -12.35
N ASN D 2 4.03 21.38 -12.70
CA ASN D 2 2.87 21.35 -11.82
C ASN D 2 2.61 19.96 -11.24
N MET D 3 2.02 19.95 -10.07
CA MET D 3 1.48 18.72 -9.48
C MET D 3 0.01 18.98 -9.12
N PHE D 4 -0.86 18.10 -9.59
CA PHE D 4 -2.27 18.17 -9.23
C PHE D 4 -2.61 17.16 -8.15
N LEU D 5 -3.61 17.49 -7.34
CA LEU D 5 -4.13 16.60 -6.30
C LEU D 5 -5.66 16.60 -6.42
N VAL D 6 -6.21 15.50 -6.93
CA VAL D 6 -7.66 15.39 -7.07
C VAL D 6 -8.24 14.96 -5.73
N VAL D 7 -9.03 15.84 -5.12
CA VAL D 7 -9.55 15.58 -3.79
C VAL D 7 -11.06 15.65 -3.84
N ALA D 8 -11.71 14.96 -2.91
CA ALA D 8 -13.16 14.91 -2.76
C ALA D 8 -13.47 15.71 -1.51
N LEU D 9 -13.69 17.01 -1.68
CA LEU D 9 -13.85 17.88 -0.53
C LEU D 9 -15.31 18.11 -0.10
N ASP D 10 -16.26 17.42 -0.72
CA ASP D 10 -17.67 17.45 -0.31
C ASP D 10 -17.88 16.30 0.65
N GLY D 11 -17.93 16.59 1.94
CA GLY D 11 -18.17 15.55 2.91
C GLY D 11 -17.32 15.87 4.11
N GLY D 12 -17.81 15.51 5.28
CA GLY D 12 -17.10 15.78 6.51
C GLY D 12 -17.12 17.25 6.85
N ARG D 13 -16.31 17.60 7.86
CA ARG D 13 -16.24 18.96 8.36
C ARG D 13 -15.55 19.85 7.35
N GLU D 14 -16.21 20.95 7.02
CA GLU D 14 -15.71 21.93 6.05
C GLU D 14 -14.32 22.51 6.39
N ALA D 15 -13.98 22.77 7.65
CA ALA D 15 -12.62 23.23 7.96
C ALA D 15 -11.58 22.19 7.63
N ASP D 16 -11.95 20.91 7.58
CA ASP D 16 -10.99 19.94 7.06
C ASP D 16 -10.67 20.24 5.59
N ALA D 17 -11.71 20.52 4.81
CA ALA D 17 -11.51 20.91 3.41
C ALA D 17 -10.67 22.18 3.34
N VAL D 18 -10.94 23.13 4.23
CA VAL D 18 -10.15 24.36 4.23
C VAL D 18 -8.71 24.06 4.62
N ALA D 19 -8.50 23.15 5.56
CA ALA D 19 -7.14 22.77 5.96
C ALA D 19 -6.39 22.14 4.79
N VAL D 20 -7.09 21.33 3.99
CA VAL D 20 -6.50 20.72 2.81
C VAL D 20 -6.08 21.79 1.81
N MET D 21 -6.95 22.76 1.56
CA MET D 21 -6.63 23.81 0.58
C MET D 21 -5.47 24.69 1.06
N LYS D 22 -5.46 25.03 2.33
CA LYS D 22 -4.34 25.80 2.84
C LYS D 22 -3.03 25.05 2.70
N ALA D 23 -3.01 23.77 3.08
CA ALA D 23 -1.77 22.99 2.96
C ALA D 23 -1.35 22.85 1.50
N ALA D 24 -2.33 22.67 0.60
CA ALA D 24 -1.99 22.59 -0.81
C ALA D 24 -1.27 23.85 -1.25
N LYS D 25 -1.86 25.02 -0.97
CA LYS D 25 -1.17 26.26 -1.30
C LYS D 25 0.24 26.30 -0.74
N GLU D 26 0.39 25.96 0.53
CA GLU D 26 1.71 26.04 1.15
C GLU D 26 2.70 25.11 0.47
N ARG D 27 2.25 23.96 -0.01
CA ARG D 27 3.13 22.96 -0.60
C ARG D 27 3.18 23.05 -2.13
N GLY D 28 2.55 24.07 -2.70
CA GLY D 28 2.64 24.25 -4.14
C GLY D 28 1.88 23.24 -4.97
N ILE D 29 0.74 22.78 -4.49
CA ILE D 29 -0.05 21.75 -5.17
C ILE D 29 -1.35 22.38 -5.66
N LYS D 30 -1.65 22.22 -6.95
CA LYS D 30 -2.92 22.65 -7.49
C LYS D 30 -4.01 21.64 -7.15
N ILE D 31 -5.24 22.14 -6.94
CA ILE D 31 -6.35 21.34 -6.44
C ILE D 31 -7.34 21.10 -7.59
N ILE D 32 -7.79 19.87 -7.74
CA ILE D 32 -8.94 19.54 -8.59
C ILE D 32 -9.98 18.89 -7.70
N LEU D 33 -11.17 19.49 -7.64
CA LEU D 33 -12.24 19.02 -6.78
C LEU D 33 -13.04 17.94 -7.48
N TRP D 34 -13.18 16.79 -6.83
CA TRP D 34 -14.10 15.75 -7.30
C TRP D 34 -15.44 15.93 -6.57
N LEU D 35 -16.52 16.22 -7.31
CA LEU D 35 -17.78 16.62 -6.68
C LEU D 35 -18.67 15.44 -6.35
N ALA D 36 -19.35 15.55 -5.20
CA ALA D 36 -20.32 14.58 -4.73
C ALA D 36 -21.75 15.13 -4.56
N GLY D 37 -22.01 16.39 -4.93
CA GLY D 37 -23.37 16.91 -4.97
C GLY D 37 -23.65 18.22 -4.24
N ASP D 38 -22.81 18.57 -3.27
CA ASP D 38 -23.04 19.71 -2.38
C ASP D 38 -22.61 21.01 -3.03
N VAL D 39 -23.57 21.73 -3.63
CA VAL D 39 -23.21 22.93 -4.39
C VAL D 39 -22.97 24.15 -3.49
N GLU D 40 -23.63 24.21 -2.33
CA GLU D 40 -23.34 25.31 -1.41
C GLU D 40 -21.93 25.18 -0.84
N ARG D 41 -21.55 23.96 -0.47
CA ARG D 41 -20.18 23.74 -0.04
C ARG D 41 -19.20 24.06 -1.16
N LEU D 42 -19.56 23.75 -2.41
CA LEU D 42 -18.70 24.11 -3.54
C LEU D 42 -18.46 25.62 -3.62
N LYS D 43 -19.53 26.42 -3.49
CA LYS D 43 -19.33 27.87 -3.52
C LYS D 43 -18.43 28.32 -2.37
N ARG D 44 -18.65 27.78 -1.15
CA ARG D 44 -17.80 28.19 -0.03
C ARG D 44 -16.35 27.76 -0.21
N LEU D 45 -16.12 26.57 -0.79
CA LEU D 45 -14.76 26.15 -1.07
C LEU D 45 -14.11 27.11 -2.07
N PHE D 46 -14.85 27.52 -3.10
CA PHE D 46 -14.31 28.51 -4.04
C PHE D 46 -13.96 29.81 -3.32
N GLU D 47 -14.85 30.27 -2.45
CA GLU D 47 -14.59 31.49 -1.68
C GLU D 47 -13.32 31.34 -0.83
N LYS D 48 -13.21 30.24 -0.09
CA LYS D 48 -12.08 30.08 0.81
C LYS D 48 -10.77 29.87 0.07
N ALA D 49 -10.80 29.21 -1.09
CA ALA D 49 -9.61 29.04 -1.91
C ALA D 49 -9.15 30.38 -2.49
N LYS D 50 -10.10 31.27 -2.79
CA LYS D 50 -9.77 32.65 -3.09
C LYS D 50 -9.02 33.31 -1.93
N GLU D 51 -9.64 33.27 -0.74
CA GLU D 51 -9.05 33.86 0.46
C GLU D 51 -7.63 33.37 0.70
N LEU D 52 -7.38 32.07 0.54
CA LEU D 52 -6.09 31.45 0.84
C LEU D 52 -5.06 31.63 -0.27
N GLY D 53 -5.48 31.88 -1.51
CA GLY D 53 -4.55 31.84 -2.63
C GLY D 53 -4.37 30.48 -3.28
N THR D 54 -5.06 29.45 -2.80
CA THR D 54 -5.04 28.13 -3.41
C THR D 54 -5.66 28.21 -4.80
N ASP D 55 -5.03 27.51 -5.76
CA ASP D 55 -5.52 27.41 -7.14
C ASP D 55 -6.49 26.24 -7.22
N ILE D 56 -7.78 26.52 -7.37
CA ILE D 56 -8.72 25.46 -7.75
C ILE D 56 -8.63 25.38 -9.27
N ALA D 57 -7.75 24.51 -9.74
CA ALA D 57 -7.54 24.38 -11.18
C ALA D 57 -8.76 23.77 -11.87
N GLY D 58 -9.49 22.88 -11.21
CA GLY D 58 -10.56 22.21 -11.92
C GLY D 58 -11.56 21.59 -10.96
N ILE D 59 -12.70 21.18 -11.53
CA ILE D 59 -13.76 20.51 -10.79
C ILE D 59 -14.27 19.39 -11.67
N ILE D 60 -14.78 18.32 -11.05
CA ILE D 60 -15.23 17.13 -11.76
C ILE D 60 -16.71 16.90 -11.50
N LEU D 61 -17.50 16.83 -12.56
CA LEU D 61 -18.87 16.33 -12.49
C LEU D 61 -18.85 14.88 -12.93
N ASP D 62 -19.18 13.98 -12.01
CA ASP D 62 -19.10 12.54 -12.23
C ASP D 62 -20.49 11.95 -12.05
N GLY D 63 -21.10 11.55 -13.16
CA GLY D 63 -22.46 11.05 -13.13
C GLY D 63 -23.50 12.05 -12.64
N ALA D 64 -23.30 13.33 -12.93
CA ALA D 64 -24.20 14.37 -12.47
C ALA D 64 -25.39 14.53 -13.43
N PRO D 65 -26.59 14.74 -12.91
CA PRO D 65 -27.74 15.00 -13.79
C PRO D 65 -27.79 16.45 -14.26
N LEU D 66 -28.69 16.68 -15.22
CA LEU D 66 -28.78 17.93 -15.98
C LEU D 66 -28.99 19.17 -15.11
N GLU D 67 -29.85 19.05 -14.07
CA GLU D 67 -30.24 20.17 -13.22
C GLU D 67 -29.10 20.66 -12.32
N LYS D 68 -28.09 19.82 -12.10
CA LYS D 68 -26.95 20.23 -11.31
C LYS D 68 -25.85 20.85 -12.15
N LEU D 69 -25.94 20.70 -13.49
CA LEU D 69 -24.89 21.19 -14.37
C LEU D 69 -24.78 22.72 -14.31
N ARG D 70 -25.89 23.42 -14.52
CA ARG D 70 -25.79 24.87 -14.71
C ARG D 70 -25.23 25.61 -13.48
N PRO D 71 -25.68 25.35 -12.25
CA PRO D 71 -25.10 26.10 -11.11
C PRO D 71 -23.62 25.82 -10.92
N VAL D 72 -23.23 24.56 -11.10
CA VAL D 72 -21.82 24.19 -11.00
C VAL D 72 -20.99 24.89 -12.07
N ILE D 73 -21.49 24.89 -13.31
CA ILE D 73 -20.78 25.56 -14.39
C ILE D 73 -20.60 27.03 -14.11
N LYS D 74 -21.64 27.67 -13.53
CA LYS D 74 -21.55 29.09 -13.17
C LYS D 74 -20.48 29.34 -12.14
N LEU D 75 -20.37 28.46 -11.15
CA LEU D 75 -19.30 28.62 -10.18
C LEU D 75 -17.94 28.49 -10.85
N ALA D 76 -17.77 27.49 -11.73
CA ALA D 76 -16.49 27.32 -12.41
C ALA D 76 -16.13 28.54 -13.22
N ALA D 77 -17.08 29.05 -14.01
CA ALA D 77 -16.82 30.24 -14.82
C ALA D 77 -16.50 31.44 -13.94
N GLU D 78 -17.26 31.63 -12.86
CA GLU D 78 -17.05 32.78 -12.01
C GLU D 78 -15.66 32.77 -11.39
N PHE D 79 -15.14 31.58 -11.04
CA PHE D 79 -13.87 31.47 -10.33
C PHE D 79 -12.72 30.99 -11.21
N GLY D 80 -12.97 30.72 -12.48
CA GLY D 80 -11.88 30.38 -13.38
C GLY D 80 -11.32 28.99 -13.24
N ALA D 81 -12.19 27.99 -13.12
CA ALA D 81 -11.82 26.59 -12.98
C ALA D 81 -12.20 25.84 -14.24
N ALA D 82 -11.35 24.88 -14.63
CA ALA D 82 -11.69 24.01 -15.74
C ALA D 82 -12.78 23.04 -15.34
N LEU D 83 -13.58 22.60 -16.30
CA LEU D 83 -14.66 21.65 -16.04
C LEU D 83 -14.24 20.27 -16.54
N PHE D 84 -14.27 19.29 -15.64
CA PHE D 84 -14.04 17.89 -16.01
C PHE D 84 -15.37 17.16 -15.99
N LEU D 85 -15.65 16.41 -17.05
CA LEU D 85 -16.89 15.64 -17.17
C LEU D 85 -16.58 14.15 -17.29
N ALA D 86 -17.21 13.33 -16.44
CA ALA D 86 -17.00 11.88 -16.45
C ALA D 86 -18.34 11.19 -16.18
N ASN D 87 -18.45 9.97 -16.70
CA ASN D 87 -19.58 9.08 -16.44
C ASN D 87 -20.93 9.79 -16.60
N MET D 88 -21.09 10.58 -17.66
CA MET D 88 -22.31 11.32 -17.87
C MET D 88 -23.51 10.39 -18.02
N PRO D 89 -24.67 10.73 -17.46
CA PRO D 89 -25.81 9.79 -17.48
C PRO D 89 -26.24 9.37 -18.88
N ASP D 90 -26.43 10.33 -19.80
CA ASP D 90 -26.84 10.02 -21.17
C ASP D 90 -26.14 10.95 -22.14
N ALA D 91 -26.17 10.58 -23.43
CA ALA D 91 -25.47 11.37 -24.43
C ALA D 91 -26.00 12.80 -24.50
N ALA D 92 -27.28 12.99 -24.18
CA ALA D 92 -27.89 14.31 -24.23
C ALA D 92 -27.43 15.18 -23.08
N THR D 93 -27.35 14.62 -21.87
CA THR D 93 -26.83 15.36 -20.73
C THR D 93 -25.40 15.81 -21.01
N ALA D 94 -24.59 14.92 -21.58
CA ALA D 94 -23.23 15.28 -22.00
C ALA D 94 -23.24 16.40 -23.03
N GLU D 95 -24.09 16.27 -24.04
CA GLU D 95 -24.14 17.29 -25.11
C GLU D 95 -24.45 18.65 -24.48
N GLU D 96 -25.49 18.70 -23.65
CA GLU D 96 -25.86 19.96 -23.03
C GLU D 96 -24.77 20.49 -22.12
N ALA D 97 -24.11 19.61 -21.36
CA ALA D 97 -23.06 20.07 -20.45
C ALA D 97 -21.93 20.74 -21.22
N ILE D 98 -21.48 20.09 -22.30
CA ILE D 98 -20.44 20.71 -23.10
C ILE D 98 -20.93 22.02 -23.68
N LYS D 99 -22.20 22.05 -24.14
CA LYS D 99 -22.79 23.26 -24.72
C LYS D 99 -22.74 24.42 -23.74
N ILE D 100 -23.25 24.20 -22.52
CA ILE D 100 -23.32 25.26 -21.52
C ILE D 100 -21.93 25.71 -21.12
N ALA D 101 -21.01 24.76 -20.93
CA ALA D 101 -19.67 25.12 -20.49
C ALA D 101 -18.94 25.94 -21.53
N LYS D 102 -19.12 25.60 -22.81
CA LYS D 102 -18.49 26.38 -23.86
C LYS D 102 -19.15 27.75 -24.00
N GLU D 103 -20.48 27.80 -23.85
CA GLU D 103 -21.19 29.08 -23.85
C GLU D 103 -20.67 30.05 -22.79
N GLU D 104 -20.10 29.54 -21.70
CA GLU D 104 -19.53 30.39 -20.66
C GLU D 104 -18.03 30.57 -20.79
N GLY D 105 -17.41 30.02 -21.84
CA GLY D 105 -15.97 30.15 -22.05
C GLY D 105 -15.10 29.30 -21.14
N LEU D 106 -15.49 28.04 -20.90
CA LEU D 106 -14.78 27.15 -19.98
C LEU D 106 -13.89 26.15 -20.73
N GLU D 107 -12.74 25.85 -20.12
CA GLU D 107 -11.95 24.69 -20.54
C GLU D 107 -12.61 23.38 -20.10
N VAL D 108 -12.91 22.52 -21.05
CA VAL D 108 -13.70 21.32 -20.81
C VAL D 108 -12.83 20.12 -21.16
N TYR D 109 -12.66 19.21 -20.20
CA TYR D 109 -12.01 17.93 -20.44
C TYR D 109 -13.06 16.84 -20.26
N LEU D 110 -13.14 15.94 -21.21
CA LEU D 110 -14.10 14.85 -21.21
C LEU D 110 -13.37 13.55 -20.93
N LEU D 111 -13.74 12.88 -19.86
CA LEU D 111 -13.15 11.59 -19.61
C LEU D 111 -13.79 10.54 -20.49
N ALA D 112 -13.00 9.57 -20.87
CA ALA D 112 -13.47 8.45 -21.66
C ALA D 112 -12.58 7.27 -21.34
N ASP D 113 -13.19 6.10 -21.16
CA ASP D 113 -12.39 4.90 -21.22
C ASP D 113 -12.49 4.40 -22.66
N LEU D 114 -11.87 3.24 -22.93
CA LEU D 114 -11.84 2.78 -24.31
C LEU D 114 -13.25 2.66 -24.88
N ASP D 115 -14.18 2.11 -24.08
CA ASP D 115 -15.47 1.69 -24.61
C ASP D 115 -16.26 2.84 -25.21
N ASN D 116 -16.20 4.03 -24.64
CA ASN D 116 -16.92 5.13 -25.29
C ASN D 116 -15.96 6.22 -25.74
N LEU D 117 -14.73 5.84 -26.08
CA LEU D 117 -13.75 6.84 -26.52
C LEU D 117 -14.21 7.54 -27.80
N ASP D 118 -14.55 6.78 -28.84
CA ASP D 118 -14.95 7.40 -30.11
C ASP D 118 -16.04 8.42 -29.90
N THR D 119 -17.15 8.00 -29.27
CA THR D 119 -18.23 8.92 -28.94
C THR D 119 -17.68 10.20 -28.35
N VAL D 120 -16.84 10.06 -27.31
CA VAL D 120 -16.37 11.24 -26.60
C VAL D 120 -15.45 12.07 -27.50
N LEU D 121 -14.59 11.39 -28.27
CA LEU D 121 -13.77 12.11 -29.24
C LEU D 121 -14.62 12.97 -30.16
N ALA D 122 -15.70 12.39 -30.70
CA ALA D 122 -16.60 13.17 -31.54
C ALA D 122 -17.00 14.45 -30.81
N LEU D 123 -17.61 14.27 -29.63
CA LEU D 123 -18.14 15.40 -28.90
C LEU D 123 -17.08 16.46 -28.69
N ALA D 124 -15.86 16.04 -28.36
CA ALA D 124 -14.80 16.97 -28.00
C ALA D 124 -14.40 17.90 -29.14
N LYS D 125 -14.37 17.39 -30.37
CA LYS D 125 -14.12 18.28 -31.50
C LYS D 125 -15.35 19.08 -31.90
N LYS D 126 -16.55 18.52 -31.76
CA LYS D 126 -17.75 19.23 -32.12
C LYS D 126 -17.88 20.52 -31.32
N TYR D 127 -17.32 20.55 -30.10
CA TYR D 127 -17.39 21.71 -29.23
C TYR D 127 -16.05 22.32 -28.88
N GLY D 128 -14.94 21.74 -29.35
CA GLY D 128 -13.63 22.26 -29.01
C GLY D 128 -13.13 21.95 -27.63
N ALA D 129 -13.39 20.74 -27.14
CA ALA D 129 -12.92 20.30 -25.83
C ALA D 129 -11.79 19.27 -25.95
N LYS D 130 -11.02 19.14 -24.89
CA LYS D 130 -9.99 18.12 -24.83
C LYS D 130 -10.52 16.85 -24.16
N VAL D 131 -9.78 15.76 -24.30
CA VAL D 131 -10.17 14.47 -23.80
C VAL D 131 -9.09 13.94 -22.86
N ILE D 132 -9.51 13.28 -21.79
CA ILE D 132 -8.62 12.57 -20.89
C ILE D 132 -8.99 11.09 -20.89
N ALA D 133 -8.07 10.25 -21.37
CA ALA D 133 -8.31 8.81 -21.53
C ALA D 133 -8.00 8.03 -20.24
N LYS D 134 -8.86 7.05 -19.95
CA LYS D 134 -8.75 6.19 -18.77
C LYS D 134 -8.23 4.81 -19.18
N VAL D 135 -7.09 4.43 -18.63
CA VAL D 135 -6.41 3.20 -18.99
C VAL D 135 -6.36 2.30 -17.76
N ASP D 136 -6.82 1.06 -17.91
CA ASP D 136 -6.71 0.07 -16.85
C ASP D 136 -6.25 -1.28 -17.38
N LYS D 137 -5.89 -1.37 -18.65
CA LYS D 137 -5.43 -2.61 -19.29
C LYS D 137 -4.39 -2.22 -20.31
N VAL D 138 -3.28 -2.94 -20.33
CA VAL D 138 -2.16 -2.58 -21.23
C VAL D 138 -2.62 -2.58 -22.68
N GLU D 139 -3.55 -3.48 -23.02
CA GLU D 139 -4.11 -3.55 -24.38
C GLU D 139 -4.87 -2.28 -24.74
N ASP D 140 -5.53 -1.66 -23.77
CA ASP D 140 -6.31 -0.45 -24.04
C ASP D 140 -5.46 0.65 -24.63
N LEU D 141 -4.17 0.72 -24.28
CA LEU D 141 -3.34 1.83 -24.73
C LEU D 141 -3.08 1.80 -26.23
N LYS D 142 -2.80 0.63 -26.82
CA LYS D 142 -2.60 0.56 -28.26
C LYS D 142 -3.80 1.12 -29.02
N LYS D 143 -4.99 0.65 -28.62
CA LYS D 143 -6.24 1.06 -29.24
C LYS D 143 -6.50 2.55 -29.06
N ILE D 144 -6.20 3.06 -27.87
CA ILE D 144 -6.42 4.49 -27.66
C ILE D 144 -5.49 5.30 -28.54
N VAL D 145 -4.21 4.92 -28.61
CA VAL D 145 -3.26 5.67 -29.42
C VAL D 145 -3.72 5.69 -30.88
N GLU D 146 -4.18 4.55 -31.37
CA GLU D 146 -4.76 4.46 -32.70
C GLU D 146 -5.87 5.49 -32.89
N LYS D 147 -6.91 5.40 -32.06
CA LYS D 147 -8.07 6.29 -32.20
C LYS D 147 -7.67 7.75 -32.09
N VAL D 148 -6.69 8.07 -31.26
CA VAL D 148 -6.34 9.47 -31.07
C VAL D 148 -5.53 9.98 -32.26
N LYS D 149 -4.63 9.15 -32.81
CA LYS D 149 -3.93 9.59 -34.01
C LYS D 149 -4.91 9.76 -35.17
N ALA D 150 -5.89 8.86 -35.27
CA ALA D 150 -6.88 9.01 -36.32
C ALA D 150 -7.69 10.29 -36.15
N HIS D 151 -7.92 10.74 -34.92
CA HIS D 151 -8.67 11.97 -34.71
C HIS D 151 -7.81 13.16 -34.35
N GLY D 152 -6.51 12.97 -34.18
CA GLY D 152 -5.64 14.08 -33.95
C GLY D 152 -5.08 14.17 -32.55
N THR D 153 -3.77 14.16 -32.42
CA THR D 153 -3.22 14.07 -31.09
C THR D 153 -3.46 15.35 -30.29
N ASP D 154 -3.93 16.43 -30.94
CA ASP D 154 -4.20 17.64 -30.18
C ASP D 154 -5.45 17.52 -29.32
N ILE D 155 -6.22 16.44 -29.47
CA ILE D 155 -7.44 16.28 -28.71
C ILE D 155 -7.20 15.64 -27.33
N LEU D 156 -6.10 14.91 -27.16
CA LEU D 156 -5.81 14.17 -25.94
C LEU D 156 -4.94 14.99 -25.02
N ALA D 157 -5.51 15.46 -23.91
CA ALA D 157 -4.78 16.32 -23.01
C ALA D 157 -4.28 15.57 -21.78
N GLY D 158 -4.79 14.37 -21.52
CA GLY D 158 -4.47 13.65 -20.31
C GLY D 158 -4.67 12.16 -20.42
N ILE D 159 -4.02 11.44 -19.50
CA ILE D 159 -4.21 10.00 -19.34
C ILE D 159 -4.37 9.72 -17.86
N LEU D 160 -5.27 8.80 -17.55
CA LEU D 160 -5.49 8.32 -16.19
C LEU D 160 -5.26 6.81 -16.19
N ILE D 161 -4.39 6.34 -15.31
CA ILE D 161 -4.11 4.92 -15.15
C ILE D 161 -4.38 4.59 -13.69
N SER D 162 -5.57 4.11 -13.38
CA SER D 162 -5.77 3.99 -11.93
C SER D 162 -5.17 2.70 -11.40
N PRO D 163 -5.44 1.53 -11.98
CA PRO D 163 -4.59 0.41 -11.61
C PRO D 163 -3.37 0.49 -12.51
N LEU D 164 -2.31 1.08 -11.96
CA LEU D 164 -1.04 1.15 -12.66
C LEU D 164 -0.33 -0.17 -12.43
N LYS D 165 -0.43 -1.07 -13.41
CA LYS D 165 0.13 -2.40 -13.27
C LYS D 165 1.52 -2.43 -13.89
N PRO D 166 2.41 -3.31 -13.41
CA PRO D 166 3.78 -3.36 -13.95
C PRO D 166 3.85 -3.43 -15.48
N GLU D 167 3.01 -4.27 -16.10
CA GLU D 167 3.09 -4.46 -17.56
C GLU D 167 2.74 -3.19 -18.33
N MET D 168 2.04 -2.24 -17.70
CA MET D 168 1.70 -1.00 -18.37
C MET D 168 2.88 -0.05 -18.50
N VAL D 169 3.87 -0.12 -17.62
CA VAL D 169 4.82 0.99 -17.50
C VAL D 169 5.47 1.28 -18.85
N ASP D 170 6.14 0.28 -19.43
CA ASP D 170 6.83 0.51 -20.70
C ASP D 170 5.84 0.93 -21.78
N THR D 171 4.69 0.25 -21.86
CA THR D 171 3.74 0.63 -22.89
C THR D 171 3.31 2.08 -22.71
N LEU D 172 3.09 2.48 -21.46
CA LEU D 172 2.71 3.88 -21.21
C LEU D 172 3.80 4.80 -21.72
N LYS D 173 5.06 4.48 -21.39
CA LYS D 173 6.16 5.31 -21.84
C LYS D 173 6.09 5.45 -23.35
N LYS D 174 5.88 4.33 -24.05
CA LYS D 174 5.90 4.41 -25.50
C LYS D 174 4.70 5.20 -26.00
N ALA D 175 3.51 4.95 -25.44
CA ALA D 175 2.35 5.71 -25.88
C ALA D 175 2.58 7.20 -25.67
N ILE D 176 3.20 7.60 -24.55
CA ILE D 176 3.40 9.01 -24.28
C ILE D 176 4.28 9.64 -25.37
N ASP D 177 5.25 8.88 -25.89
CA ASP D 177 6.10 9.41 -26.95
C ASP D 177 5.27 9.76 -28.19
N GLU D 178 4.17 9.04 -28.41
CA GLU D 178 3.30 9.24 -29.55
C GLU D 178 2.14 10.20 -29.29
N LEU D 179 2.08 10.85 -28.14
CA LEU D 179 0.91 11.64 -27.76
C LEU D 179 1.35 13.00 -27.25
N PRO D 180 1.83 13.87 -28.14
CA PRO D 180 2.34 15.18 -27.68
C PRO D 180 1.29 16.11 -27.09
N GLY D 181 0.00 15.79 -27.22
CA GLY D 181 -1.03 16.58 -26.57
C GLY D 181 -1.13 16.35 -25.07
N VAL D 182 -0.67 15.19 -24.59
CA VAL D 182 -0.82 14.81 -23.20
C VAL D 182 -0.02 15.78 -22.34
N LYS D 183 -0.74 16.58 -21.54
CA LYS D 183 -0.12 17.53 -20.63
C LYS D 183 -0.11 17.05 -19.18
N THR D 184 -0.98 16.09 -18.83
CA THR D 184 -1.14 15.58 -17.47
C THR D 184 -1.37 14.09 -17.53
N VAL D 185 -0.72 13.36 -16.62
CA VAL D 185 -1.01 11.94 -16.40
C VAL D 185 -1.39 11.80 -14.94
N PHE D 186 -2.45 11.03 -14.68
CA PHE D 186 -3.02 10.90 -13.34
C PHE D 186 -2.80 9.51 -12.77
N LEU D 187 -2.27 9.45 -11.55
CA LEU D 187 -2.04 8.22 -10.83
C LEU D 187 -2.80 8.19 -9.51
N SER D 188 -3.02 6.97 -9.01
CA SER D 188 -3.70 6.78 -7.73
C SER D 188 -2.71 7.05 -6.60
N GLY D 189 -2.95 8.10 -5.85
CA GLY D 189 -2.07 8.36 -4.75
C GLY D 189 -2.34 7.50 -3.54
N VAL D 190 -3.25 6.56 -3.67
CA VAL D 190 -3.72 5.76 -2.57
C VAL D 190 -3.21 4.34 -2.66
N SER D 191 -3.22 3.76 -3.85
CA SER D 191 -2.96 2.34 -3.94
C SER D 191 -2.09 1.97 -5.14
N ALA D 192 -1.25 2.90 -5.59
CA ALA D 192 -0.32 2.65 -6.68
C ALA D 192 1.01 2.17 -6.10
N ASN D 193 1.63 1.23 -6.77
CA ASN D 193 2.90 0.70 -6.29
C ASN D 193 3.90 1.84 -6.17
N PRO D 194 4.41 2.13 -4.97
CA PRO D 194 5.24 3.35 -4.83
C PRO D 194 6.48 3.35 -5.73
N ALA D 195 7.10 2.20 -5.94
CA ALA D 195 8.29 2.15 -6.79
C ALA D 195 7.93 2.52 -8.23
N LEU D 196 6.84 1.94 -8.74
CA LEU D 196 6.31 2.31 -10.06
C LEU D 196 5.90 3.78 -10.10
N ALA D 197 5.35 4.28 -9.00
CA ALA D 197 4.94 5.67 -8.94
C ALA D 197 6.13 6.59 -9.11
N VAL D 198 7.24 6.25 -8.47
CA VAL D 198 8.45 7.07 -8.60
C VAL D 198 8.96 7.00 -10.03
N GLU D 199 9.04 5.79 -10.60
CA GLU D 199 9.56 5.67 -11.96
C GLU D 199 8.73 6.50 -12.93
N VAL D 200 7.42 6.39 -12.82
CA VAL D 200 6.56 7.06 -13.78
C VAL D 200 6.61 8.57 -13.59
N THR D 201 6.63 9.05 -12.33
CA THR D 201 6.78 10.48 -12.09
C THR D 201 8.08 10.99 -12.72
N LYS D 202 9.18 10.25 -12.52
CA LYS D 202 10.46 10.68 -13.07
C LYS D 202 10.38 10.82 -14.59
N PHE D 203 9.80 9.80 -15.24
CA PHE D 203 9.63 9.83 -16.69
C PHE D 203 8.74 10.98 -17.14
N LEU D 204 7.60 11.19 -16.49
CA LEU D 204 6.72 12.28 -16.89
C LEU D 204 7.43 13.62 -16.77
N LEU D 205 8.03 13.90 -15.60
CA LEU D 205 8.69 15.20 -15.45
C LEU D 205 9.77 15.40 -16.50
N GLU D 206 10.53 14.33 -16.83
CA GLU D 206 11.55 14.49 -17.84
C GLU D 206 10.98 14.91 -19.19
N LYS D 207 9.75 14.51 -19.50
CA LYS D 207 9.07 14.91 -20.74
C LYS D 207 8.24 16.18 -20.60
N GLY D 208 8.38 16.92 -19.50
CA GLY D 208 7.61 18.13 -19.24
C GLY D 208 6.13 17.93 -18.96
N ILE D 209 5.71 16.73 -18.55
CA ILE D 209 4.31 16.43 -18.30
C ILE D 209 4.07 16.50 -16.79
N ALA D 210 2.92 17.07 -16.38
CA ALA D 210 2.56 17.18 -14.98
C ALA D 210 1.98 15.88 -14.44
N VAL D 211 2.07 15.69 -13.13
CA VAL D 211 1.56 14.50 -12.45
C VAL D 211 0.32 14.90 -11.67
N GLY D 212 -0.73 14.11 -11.79
CA GLY D 212 -1.91 14.27 -10.97
C GLY D 212 -2.06 13.06 -10.05
N VAL D 213 -2.30 13.33 -8.78
CA VAL D 213 -2.45 12.30 -7.76
C VAL D 213 -3.91 12.28 -7.34
N LEU D 214 -4.55 11.13 -7.49
CA LEU D 214 -5.94 10.93 -7.07
C LEU D 214 -6.01 10.57 -5.59
N GLU D 215 -6.75 11.35 -4.81
CA GLU D 215 -6.89 11.15 -3.38
C GLU D 215 -8.35 11.36 -2.99
N ARG D 216 -9.28 10.67 -3.67
CA ARG D 216 -10.71 10.93 -3.42
C ARG D 216 -11.16 10.14 -2.20
N VAL D 217 -10.55 10.46 -1.07
CA VAL D 217 -10.84 9.90 0.23
C VAL D 217 -11.45 11.06 1.00
N PRO D 218 -12.03 10.83 2.20
CA PRO D 218 -12.65 11.93 2.93
C PRO D 218 -11.59 12.94 3.40
N PRO D 219 -11.97 14.20 3.53
CA PRO D 219 -10.96 15.24 3.86
C PRO D 219 -10.17 15.03 5.16
N GLU D 220 -10.71 14.37 6.20
CA GLU D 220 -9.85 14.12 7.36
C GLU D 220 -8.65 13.23 6.98
N GLU D 221 -8.87 12.26 6.09
CA GLU D 221 -7.76 11.43 5.64
C GLU D 221 -6.72 12.25 4.88
N VAL D 222 -7.17 13.19 4.03
CA VAL D 222 -6.24 14.02 3.25
C VAL D 222 -5.52 15.01 4.15
N VAL D 223 -6.22 15.57 5.14
CA VAL D 223 -5.59 16.42 6.15
C VAL D 223 -4.47 15.67 6.83
N ALA D 224 -4.71 14.39 7.12
CA ALA D 224 -3.64 13.54 7.65
C ALA D 224 -2.51 13.37 6.64
N LEU D 225 -2.84 13.19 5.37
CA LEU D 225 -1.81 12.95 4.36
C LEU D 225 -0.83 14.10 4.30
N LEU D 226 -1.34 15.33 4.33
CA LEU D 226 -0.53 16.53 4.41
C LEU D 226 -0.30 16.73 5.89
N ASP D 227 0.44 17.74 6.29
CA ASP D 227 0.51 17.74 7.75
C ASP D 227 -0.31 18.89 8.31
N ALA D 228 -1.62 18.90 8.02
CA ALA D 228 -2.47 20.07 8.22
C ALA D 228 -3.43 19.96 9.41
N GLY D 229 -3.04 19.28 10.48
CA GLY D 229 -3.86 19.24 11.69
C GLY D 229 -4.00 20.50 12.53
#